data_6PK5
#
_entry.id   6PK5
#
_cell.length_a   68.710
_cell.length_b   68.710
_cell.length_c   257.980
_cell.angle_alpha   90.00
_cell.angle_beta   90.00
_cell.angle_gamma   120.00
#
_symmetry.space_group_name_H-M   'P 31'
#
loop_
_entity.id
_entity.type
_entity.pdbx_description
1 polymer 'Adenylate kinase'
2 non-polymer 'CHLORIDE ION'
3 water water
#
_entity_poly.entity_id   1
_entity_poly.type   'polypeptide(L)'
_entity_poly.pdbx_seq_one_letter_code
;MKNKVVVVTGVPGVGGTTLTQKTIEKLKEEGIEYKMVNFGTVMFEVAKEEGLVEDRDQMRKLDPDTQKRIQKLAGRKIAE
MAKESNVIVDTHSTVKTPKGYLAGLPIWVLEELNPDIIVIVETSSDEILMRRLGDATRNRDIELTSDIDEHQFMNRCAAM
AYGVLTGATVKIIKNRDGLLDKAVEELISVLKLEHHHHHH
;
_entity_poly.pdbx_strand_id   A,B,C,D,E,F
#
# COMPACT_ATOMS: atom_id res chain seq x y z
N LYS A 2 9.67 -32.99 27.09
CA LYS A 2 10.32 -31.76 27.55
C LYS A 2 11.03 -31.11 26.35
N ASN A 3 11.70 -31.91 25.52
CA ASN A 3 12.36 -31.32 24.36
C ASN A 3 11.38 -30.66 23.41
N LYS A 4 11.85 -29.59 22.79
CA LYS A 4 11.03 -28.74 21.93
C LYS A 4 11.01 -29.24 20.49
N VAL A 5 9.88 -29.03 19.83
CA VAL A 5 9.72 -29.21 18.39
C VAL A 5 9.40 -27.85 17.78
N VAL A 6 10.27 -27.39 16.88
CA VAL A 6 10.16 -26.07 16.26
C VAL A 6 10.13 -26.26 14.76
N VAL A 7 9.18 -25.60 14.10
CA VAL A 7 9.06 -25.64 12.64
C VAL A 7 9.53 -24.31 12.03
N VAL A 8 10.38 -24.41 11.00
CA VAL A 8 10.90 -23.26 10.28
C VAL A 8 10.37 -23.28 8.85
N THR A 9 9.72 -22.19 8.44
CA THR A 9 9.06 -22.07 7.15
C THR A 9 9.55 -20.77 6.52
N GLY A 10 9.33 -20.68 5.21
CA GLY A 10 9.63 -19.51 4.38
C GLY A 10 9.52 -19.91 2.93
N VAL A 11 9.24 -18.95 2.06
CA VAL A 11 9.14 -19.25 0.63
C VAL A 11 10.52 -19.50 0.01
N PRO A 12 10.60 -20.24 -1.07
CA PRO A 12 11.92 -20.45 -1.69
C PRO A 12 12.59 -19.11 -1.92
N GLY A 13 13.88 -19.05 -1.59
CA GLY A 13 14.66 -17.85 -1.75
C GLY A 13 14.72 -16.94 -0.54
N VAL A 14 13.97 -17.23 0.52
CA VAL A 14 14.00 -16.37 1.70
C VAL A 14 15.16 -16.65 2.63
N GLY A 15 15.93 -17.74 2.43
CA GLY A 15 17.13 -17.99 3.22
C GLY A 15 16.89 -18.61 4.59
N GLY A 16 15.74 -19.25 4.83
CA GLY A 16 15.47 -19.79 6.14
C GLY A 16 16.31 -21.01 6.49
N THR A 17 16.72 -21.78 5.49
CA THR A 17 17.51 -22.98 5.77
C THR A 17 18.87 -22.58 6.30
N THR A 18 19.52 -21.62 5.63
CA THR A 18 20.83 -21.15 6.07
C THR A 18 20.77 -20.45 7.42
N LEU A 19 19.69 -19.73 7.68
CA LEU A 19 19.47 -19.09 8.97
C LEU A 19 19.45 -20.10 10.12
N THR A 20 18.72 -21.22 9.94
CA THR A 20 18.65 -22.25 10.97
C THR A 20 20.02 -22.92 11.18
N GLN A 21 20.76 -23.21 10.09
CA GLN A 21 22.07 -23.83 10.25
C GLN A 21 23.01 -22.96 11.09
N LYS A 22 23.02 -21.63 10.84
CA LYS A 22 23.81 -20.71 11.64
C LYS A 22 23.34 -20.66 13.10
N THR A 23 22.03 -20.68 13.32
CA THR A 23 21.52 -20.61 14.68
C THR A 23 21.91 -21.85 15.49
N ILE A 24 21.73 -23.04 14.92
CA ILE A 24 22.15 -24.24 15.64
C ILE A 24 23.64 -24.21 15.93
N GLU A 25 24.45 -23.71 15.00
CA GLU A 25 25.88 -23.65 15.28
C GLU A 25 26.15 -22.79 16.51
N LYS A 26 25.46 -21.65 16.62
CA LYS A 26 25.68 -20.78 17.76
C LYS A 26 25.07 -21.33 19.04
N LEU A 27 23.95 -22.06 18.91
CA LEU A 27 23.38 -22.73 20.07
C LEU A 27 24.31 -23.82 20.58
N LYS A 28 25.03 -24.49 19.68
CA LYS A 28 25.98 -25.52 20.10
C LYS A 28 27.25 -24.96 20.73
N GLU A 29 27.71 -23.76 20.32
CA GLU A 29 28.85 -23.18 21.03
C GLU A 29 28.55 -23.07 22.52
N GLU A 30 27.29 -22.78 22.83
CA GLU A 30 26.71 -22.60 24.15
C GLU A 30 26.24 -23.91 24.76
N GLY A 31 26.35 -25.02 24.03
CA GLY A 31 26.01 -26.32 24.57
C GLY A 31 24.57 -26.73 24.46
N ILE A 32 23.81 -26.18 23.49
CA ILE A 32 22.40 -26.47 23.26
C ILE A 32 22.28 -27.18 21.93
N GLU A 33 21.96 -28.46 21.96
CA GLU A 33 21.88 -29.28 20.77
C GLU A 33 20.47 -29.24 20.21
N TYR A 34 20.36 -28.80 18.97
CA TYR A 34 19.17 -28.88 18.16
C TYR A 34 19.55 -29.76 16.99
N LYS A 35 18.76 -30.78 16.70
CA LYS A 35 18.93 -31.58 15.50
C LYS A 35 18.02 -31.01 14.42
N MET A 36 18.60 -30.78 13.26
CA MET A 36 17.90 -30.21 12.13
C MET A 36 17.48 -31.31 11.17
N VAL A 37 16.21 -31.28 10.77
CA VAL A 37 15.73 -32.18 9.74
C VAL A 37 14.86 -31.39 8.77
N ASN A 38 14.72 -31.92 7.57
CA ASN A 38 13.82 -31.43 6.54
C ASN A 38 12.58 -32.33 6.53
N PHE A 39 11.39 -31.75 6.70
CA PHE A 39 10.21 -32.61 6.81
C PHE A 39 9.99 -33.43 5.55
N GLY A 40 10.33 -32.87 4.38
CA GLY A 40 10.07 -33.56 3.14
C GLY A 40 10.99 -34.70 2.81
N THR A 41 12.26 -34.60 3.20
CA THR A 41 13.11 -35.77 3.02
C THR A 41 12.83 -36.76 4.14
N VAL A 42 12.31 -36.30 5.28
CA VAL A 42 11.83 -37.23 6.30
C VAL A 42 10.69 -38.08 5.75
N MET A 43 9.78 -37.48 4.98
CA MET A 43 8.78 -38.26 4.25
C MET A 43 9.40 -39.18 3.18
N PHE A 44 10.35 -38.66 2.39
CA PHE A 44 11.02 -39.48 1.37
C PHE A 44 11.65 -40.72 2.00
N GLU A 45 12.31 -40.52 3.14
CA GLU A 45 12.98 -41.62 3.83
C GLU A 45 11.99 -42.70 4.21
N VAL A 46 10.83 -42.30 4.74
CA VAL A 46 9.83 -43.28 5.15
C VAL A 46 9.30 -44.04 3.95
N ALA A 47 9.12 -43.36 2.81
CA ALA A 47 8.56 -44.03 1.65
C ALA A 47 9.56 -44.99 1.04
N LYS A 48 10.86 -44.71 1.17
CA LYS A 48 11.84 -45.68 0.74
C LYS A 48 11.88 -46.87 1.70
N GLU A 49 11.66 -46.62 3.00
CA GLU A 49 11.69 -47.70 3.96
C GLU A 49 10.64 -48.77 3.59
N GLU A 50 9.48 -48.36 3.07
CA GLU A 50 8.38 -49.26 2.76
C GLU A 50 8.48 -49.85 1.33
N GLY A 51 9.59 -49.64 0.63
CA GLY A 51 9.71 -50.08 -0.75
C GLY A 51 8.87 -49.28 -1.74
N LEU A 52 8.32 -48.16 -1.33
CA LEU A 52 7.37 -47.46 -2.17
C LEU A 52 8.04 -46.68 -3.28
N VAL A 53 9.28 -46.22 -3.06
CA VAL A 53 9.98 -45.47 -4.07
C VAL A 53 11.43 -45.90 -4.15
N GLU A 54 12.04 -45.57 -5.27
CA GLU A 54 13.47 -45.57 -5.48
C GLU A 54 13.94 -44.18 -5.86
N ASP A 55 13.04 -43.31 -6.31
CA ASP A 55 13.30 -42.00 -6.87
C ASP A 55 12.44 -40.97 -6.15
N ARG A 56 13.00 -39.77 -6.00
CA ARG A 56 12.35 -38.67 -5.33
C ARG A 56 11.31 -37.92 -6.18
N ASP A 57 11.31 -38.11 -7.51
CA ASP A 57 10.30 -37.54 -8.41
C ASP A 57 9.01 -38.37 -8.36
N GLN A 58 9.18 -39.66 -8.07
CA GLN A 58 8.06 -40.57 -7.89
C GLN A 58 7.20 -40.23 -6.70
N MET A 59 7.58 -39.29 -5.84
CA MET A 59 6.75 -39.06 -4.67
C MET A 59 5.41 -38.47 -5.09
N ARG A 60 5.43 -37.44 -5.94
CA ARG A 60 4.21 -36.75 -6.36
C ARG A 60 3.51 -37.42 -7.53
N LYS A 61 3.56 -38.75 -7.56
CA LYS A 61 2.73 -39.60 -8.40
C LYS A 61 2.12 -40.71 -7.51
N LEU A 62 2.01 -40.46 -6.19
CA LEU A 62 1.43 -41.38 -5.22
C LEU A 62 0.01 -41.03 -4.78
N ASP A 63 -0.77 -42.09 -4.48
CA ASP A 63 -2.19 -41.97 -4.17
C ASP A 63 -2.43 -41.19 -2.88
N PRO A 64 -3.56 -40.49 -2.77
CA PRO A 64 -3.72 -39.54 -1.66
C PRO A 64 -3.82 -40.21 -0.30
N ASP A 65 -4.18 -41.50 -0.25
CA ASP A 65 -4.23 -42.22 1.02
C ASP A 65 -2.84 -42.60 1.53
N THR A 66 -2.03 -43.30 0.72
CA THR A 66 -0.74 -43.75 1.23
C THR A 66 0.18 -42.56 1.49
N GLN A 67 -0.12 -41.42 0.85
CA GLN A 67 0.60 -40.16 1.01
C GLN A 67 0.19 -39.46 2.29
N LYS A 68 -1.06 -39.67 2.72
CA LYS A 68 -1.49 -39.22 4.03
C LYS A 68 -0.91 -40.08 5.15
N ARG A 69 -0.72 -41.38 4.91
CA ARG A 69 -0.10 -42.19 5.95
C ARG A 69 1.38 -41.89 6.14
N ILE A 70 2.12 -41.69 5.06
CA ILE A 70 3.54 -41.36 5.21
C ILE A 70 3.69 -40.03 5.92
N GLN A 71 2.84 -39.06 5.58
CA GLN A 71 2.86 -37.80 6.30
C GLN A 71 2.75 -38.06 7.80
N LYS A 72 1.81 -38.93 8.21
CA LYS A 72 1.62 -39.28 9.62
C LYS A 72 2.85 -39.94 10.25
N LEU A 73 3.49 -40.86 9.52
CA LEU A 73 4.70 -41.53 10.01
C LEU A 73 5.91 -40.59 10.12
N ALA A 74 5.97 -39.59 9.23
CA ALA A 74 7.02 -38.58 9.29
C ALA A 74 6.92 -37.71 10.54
N GLY A 75 5.72 -37.21 10.86
CA GLY A 75 5.53 -36.47 12.10
C GLY A 75 5.77 -37.30 13.35
N ARG A 76 5.26 -38.51 13.38
CA ARG A 76 5.49 -39.40 14.52
C ARG A 76 6.98 -39.69 14.67
N LYS A 77 7.66 -39.93 13.54
CA LYS A 77 9.09 -40.19 13.53
C LYS A 77 9.88 -39.00 14.05
N ILE A 78 9.50 -37.80 13.66
CA ILE A 78 10.10 -36.60 14.24
C ILE A 78 9.73 -36.51 15.71
N ALA A 79 8.50 -36.91 16.05
CA ALA A 79 8.12 -36.94 17.45
C ALA A 79 9.02 -37.89 18.25
N GLU A 80 9.51 -38.96 17.60
CA GLU A 80 10.41 -39.86 18.30
C GLU A 80 11.81 -39.27 18.51
N MET A 81 12.33 -38.53 17.52
CA MET A 81 13.67 -37.93 17.67
C MET A 81 13.71 -36.94 18.82
N ALA A 82 12.57 -36.32 19.12
CA ALA A 82 12.48 -35.29 20.14
C ALA A 82 12.67 -35.80 21.56
N LYS A 83 12.58 -37.11 21.80
CA LYS A 83 12.98 -37.68 23.07
C LYS A 83 14.49 -37.66 23.29
N GLU A 84 15.24 -37.58 22.19
CA GLU A 84 16.70 -37.70 22.20
C GLU A 84 17.41 -36.36 21.93
N SER A 85 16.72 -35.36 21.43
CA SER A 85 17.32 -34.06 21.18
C SER A 85 16.20 -33.07 20.90
N ASN A 86 16.46 -31.79 21.14
CA ASN A 86 15.62 -30.73 20.56
C ASN A 86 15.67 -30.82 19.05
N VAL A 87 14.53 -30.49 18.42
CA VAL A 87 14.35 -30.71 16.99
C VAL A 87 13.86 -29.44 16.32
N ILE A 88 14.48 -29.11 15.21
CA ILE A 88 14.15 -27.98 14.35
C ILE A 88 13.84 -28.56 12.98
N VAL A 89 12.65 -28.29 12.45
CA VAL A 89 12.16 -28.91 11.21
C VAL A 89 11.97 -27.86 10.12
N ASP A 90 12.76 -27.95 9.04
CA ASP A 90 12.63 -27.09 7.84
C ASP A 90 11.52 -27.64 6.95
N THR A 91 10.46 -26.84 6.78
CA THR A 91 9.30 -27.24 6.00
C THR A 91 8.59 -25.99 5.51
N HIS A 92 7.65 -26.20 4.60
CA HIS A 92 6.86 -25.12 4.06
C HIS A 92 5.55 -24.95 4.82
N SER A 93 5.23 -23.70 5.15
CA SER A 93 3.90 -23.41 5.64
C SER A 93 2.88 -23.79 4.58
N THR A 94 3.12 -23.38 3.33
CA THR A 94 2.39 -23.89 2.19
C THR A 94 3.35 -24.08 1.02
N VAL A 95 3.10 -25.11 0.24
CA VAL A 95 3.77 -25.33 -1.03
C VAL A 95 2.93 -24.66 -2.11
N LYS A 96 3.57 -23.83 -2.91
CA LYS A 96 2.89 -23.21 -4.04
C LYS A 96 2.95 -24.21 -5.18
N THR A 97 1.83 -24.89 -5.44
CA THR A 97 1.74 -25.88 -6.50
C THR A 97 0.93 -25.30 -7.66
N PRO A 98 0.99 -25.93 -8.83
CA PRO A 98 0.18 -25.44 -9.97
C PRO A 98 -1.31 -25.52 -9.69
N LYS A 99 -1.73 -26.46 -8.83
CA LYS A 99 -3.11 -26.62 -8.40
C LYS A 99 -3.46 -25.69 -7.23
N GLY A 100 -2.48 -24.98 -6.68
CA GLY A 100 -2.74 -24.02 -5.63
C GLY A 100 -1.86 -24.21 -4.41
N TYR A 101 -2.12 -23.40 -3.41
CA TYR A 101 -1.37 -23.49 -2.16
C TYR A 101 -1.78 -24.73 -1.38
N LEU A 102 -0.79 -25.54 -1.02
CA LEU A 102 -1.01 -26.81 -0.33
C LEU A 102 -0.31 -26.74 1.03
N ALA A 103 -1.07 -26.89 2.09
CA ALA A 103 -0.49 -26.81 3.43
C ALA A 103 0.52 -27.93 3.63
N GLY A 104 1.70 -27.55 4.14
CA GLY A 104 2.77 -28.50 4.43
C GLY A 104 2.56 -29.28 5.70
N LEU A 105 1.64 -28.81 6.53
CA LEU A 105 1.25 -29.47 7.77
C LEU A 105 -0.27 -29.49 7.90
N PRO A 106 -0.94 -30.34 7.12
CA PRO A 106 -2.37 -30.60 7.38
C PRO A 106 -2.57 -31.21 8.77
N ILE A 107 -3.83 -31.13 9.23
CA ILE A 107 -4.15 -31.41 10.64
C ILE A 107 -3.62 -32.78 11.08
N TRP A 108 -3.66 -33.79 10.19
CA TRP A 108 -3.20 -35.12 10.62
C TRP A 108 -1.70 -35.12 10.94
N VAL A 109 -0.91 -34.24 10.32
CA VAL A 109 0.52 -34.12 10.64
C VAL A 109 0.74 -33.39 11.98
N LEU A 110 -0.02 -32.31 12.24
CA LEU A 110 0.14 -31.57 13.50
C LEU A 110 -0.19 -32.43 14.71
N GLU A 111 -1.20 -33.30 14.62
CA GLU A 111 -1.57 -34.09 15.79
C GLU A 111 -0.46 -35.04 16.24
N GLU A 112 0.43 -35.44 15.33
CA GLU A 112 1.59 -36.31 15.57
C GLU A 112 2.86 -35.54 15.94
N LEU A 113 3.04 -34.38 15.31
CA LEU A 113 4.25 -33.60 15.48
C LEU A 113 4.22 -32.75 16.76
N ASN A 114 3.06 -32.08 17.01
CA ASN A 114 2.83 -31.17 18.12
C ASN A 114 3.93 -30.14 18.37
N PRO A 115 4.12 -29.21 17.44
CA PRO A 115 5.18 -28.22 17.60
C PRO A 115 4.94 -27.29 18.77
N ASP A 116 6.05 -26.77 19.30
CA ASP A 116 5.99 -25.70 20.29
C ASP A 116 6.10 -24.32 19.63
N ILE A 117 6.78 -24.23 18.50
CA ILE A 117 6.94 -22.96 17.82
C ILE A 117 6.90 -23.18 16.31
N ILE A 118 6.15 -22.33 15.61
CA ILE A 118 6.23 -22.18 14.17
C ILE A 118 6.91 -20.84 13.89
N VAL A 119 7.99 -20.89 13.10
CA VAL A 119 8.75 -19.72 12.68
C VAL A 119 8.39 -19.45 11.23
N ILE A 120 8.10 -18.20 10.93
CA ILE A 120 7.89 -17.70 9.57
C ILE A 120 9.04 -16.75 9.26
N VAL A 121 9.86 -17.10 8.28
CA VAL A 121 11.01 -16.29 7.86
C VAL A 121 10.57 -15.43 6.69
N GLU A 122 10.73 -14.12 6.85
CA GLU A 122 10.21 -13.19 5.85
C GLU A 122 11.23 -12.17 5.42
N THR A 123 11.00 -11.64 4.21
CA THR A 123 11.58 -10.38 3.76
C THR A 123 10.73 -9.85 2.61
N SER A 124 11.20 -8.75 2.03
CA SER A 124 10.55 -8.14 0.88
C SER A 124 10.57 -9.05 -0.34
N SER A 125 9.53 -8.91 -1.16
CA SER A 125 9.51 -9.59 -2.44
C SER A 125 10.70 -9.24 -3.32
N ASP A 126 11.17 -7.99 -3.23
CA ASP A 126 12.34 -7.59 -4.00
C ASP A 126 13.57 -8.40 -3.62
N GLU A 127 13.88 -8.47 -2.33
CA GLU A 127 15.06 -9.24 -1.91
C GLU A 127 14.90 -10.72 -2.25
N ILE A 128 13.69 -11.25 -2.13
CA ILE A 128 13.50 -12.67 -2.43
C ILE A 128 13.75 -12.93 -3.91
N LEU A 129 13.21 -12.08 -4.79
CA LEU A 129 13.28 -12.35 -6.22
C LEU A 129 14.70 -12.19 -6.74
N MET A 130 15.48 -11.30 -6.13
CA MET A 130 16.86 -11.09 -6.56
C MET A 130 17.73 -12.25 -6.13
N ARG A 131 17.51 -12.78 -4.91
CA ARG A 131 18.24 -13.97 -4.49
C ARG A 131 18.00 -15.11 -5.47
N ARG A 132 16.76 -15.28 -5.92
CA ARG A 132 16.44 -16.36 -6.84
C ARG A 132 17.23 -16.24 -8.12
N LEU A 133 17.32 -15.02 -8.66
CA LEU A 133 18.06 -14.83 -9.90
C LEU A 133 19.56 -15.10 -9.74
N GLY A 134 20.13 -14.85 -8.56
CA GLY A 134 21.54 -15.15 -8.35
C GLY A 134 21.79 -16.64 -8.30
N ASP A 135 20.92 -17.37 -7.58
CA ASP A 135 20.94 -18.84 -7.52
C ASP A 135 20.97 -19.37 -8.96
N ALA A 136 22.13 -19.88 -9.41
CA ALA A 136 22.26 -20.54 -10.70
C ALA A 136 21.42 -21.82 -10.86
N THR A 137 20.67 -22.20 -9.81
CA THR A 137 19.72 -23.31 -9.82
C THR A 137 18.28 -22.85 -9.51
N ARG A 138 17.96 -21.59 -9.79
CA ARG A 138 16.60 -21.06 -9.73
C ARG A 138 16.05 -21.06 -8.30
N ILE A 142 10.80 -18.19 -12.00
CA ILE A 142 11.14 -16.88 -12.57
C ILE A 142 10.13 -15.82 -12.10
N GLU A 143 9.18 -16.27 -11.25
CA GLU A 143 7.94 -15.56 -10.95
C GLU A 143 8.17 -14.27 -10.21
N LEU A 144 7.23 -13.33 -10.40
CA LEU A 144 7.46 -11.95 -10.03
C LEU A 144 6.98 -11.62 -8.61
N THR A 145 7.13 -10.35 -8.23
CA THR A 145 7.02 -9.99 -6.83
C THR A 145 5.59 -10.06 -6.32
N SER A 146 4.57 -9.91 -7.17
CA SER A 146 3.19 -10.04 -6.69
C SER A 146 2.85 -11.48 -6.31
N ASP A 147 3.32 -12.44 -7.10
CA ASP A 147 3.12 -13.85 -6.77
C ASP A 147 3.90 -14.22 -5.52
N ILE A 148 5.05 -13.58 -5.30
CA ILE A 148 5.80 -13.84 -4.08
C ILE A 148 5.08 -13.27 -2.87
N ASP A 149 4.46 -12.08 -3.02
CA ASP A 149 3.72 -11.50 -1.90
C ASP A 149 2.46 -12.31 -1.57
N GLU A 150 1.77 -12.81 -2.60
CA GLU A 150 0.61 -13.64 -2.43
C GLU A 150 0.93 -14.87 -1.60
N HIS A 151 2.08 -15.47 -1.86
CA HIS A 151 2.48 -16.67 -1.16
C HIS A 151 2.83 -16.36 0.29
N GLN A 152 3.52 -15.25 0.54
CA GLN A 152 3.87 -14.90 1.90
C GLN A 152 2.62 -14.56 2.69
N PHE A 153 1.58 -14.06 2.01
CA PHE A 153 0.26 -13.90 2.61
C PHE A 153 -0.33 -15.26 3.01
N MET A 154 -0.43 -16.19 2.04
CA MET A 154 -1.09 -17.47 2.36
C MET A 154 -0.28 -18.26 3.40
N ASN A 155 1.06 -18.15 3.38
CA ASN A 155 1.84 -18.79 4.43
C ASN A 155 1.45 -18.27 5.82
N ARG A 156 1.13 -16.97 5.93
CA ARG A 156 0.75 -16.43 7.23
C ARG A 156 -0.58 -17.01 7.73
N CYS A 157 -1.55 -17.11 6.85
CA CYS A 157 -2.84 -17.65 7.24
C CYS A 157 -2.71 -19.11 7.70
N ALA A 158 -1.87 -19.90 7.01
CA ALA A 158 -1.70 -21.32 7.34
C ALA A 158 -1.01 -21.49 8.69
N ALA A 159 0.05 -20.74 8.94
CA ALA A 159 0.72 -20.87 10.22
C ALA A 159 -0.16 -20.41 11.39
N MET A 160 -0.93 -19.33 11.24
CA MET A 160 -1.81 -18.96 12.35
C MET A 160 -2.84 -20.05 12.63
N ALA A 161 -3.34 -20.72 11.58
CA ALA A 161 -4.26 -21.82 11.77
C ALA A 161 -3.61 -22.98 12.48
N TYR A 162 -2.36 -23.32 12.11
CA TYR A 162 -1.57 -24.29 12.86
C TYR A 162 -1.52 -23.89 14.33
N GLY A 163 -1.30 -22.59 14.58
CA GLY A 163 -1.24 -22.11 15.95
C GLY A 163 -2.54 -22.32 16.71
N VAL A 164 -3.68 -22.09 16.04
CA VAL A 164 -5.00 -22.31 16.64
C VAL A 164 -5.24 -23.80 16.97
N LEU A 165 -4.79 -24.70 16.11
CA LEU A 165 -5.02 -26.13 16.37
C LEU A 165 -4.01 -26.75 17.35
N THR A 166 -2.78 -26.22 17.47
CA THR A 166 -1.73 -26.87 18.25
C THR A 166 -1.32 -26.14 19.52
N GLY A 167 -1.55 -24.83 19.63
CA GLY A 167 -1.07 -24.04 20.74
C GLY A 167 0.33 -23.51 20.60
N ALA A 168 0.98 -23.73 19.47
CA ALA A 168 2.29 -23.14 19.24
C ALA A 168 2.24 -21.61 19.11
N THR A 169 3.27 -20.94 19.63
CA THR A 169 3.45 -19.54 19.25
C THR A 169 3.93 -19.49 17.81
N VAL A 170 3.48 -18.47 17.08
CA VAL A 170 3.81 -18.25 15.67
C VAL A 170 4.68 -16.98 15.61
N LYS A 171 5.96 -17.16 15.28
CA LYS A 171 6.99 -16.12 15.34
C LYS A 171 7.43 -15.76 13.94
N ILE A 172 7.43 -14.47 13.64
CA ILE A 172 7.84 -13.95 12.35
C ILE A 172 9.22 -13.33 12.51
N ILE A 173 10.18 -13.81 11.75
CA ILE A 173 11.52 -13.24 11.72
C ILE A 173 11.80 -12.70 10.33
N LYS A 174 12.36 -11.50 10.28
CA LYS A 174 12.72 -10.85 9.03
C LYS A 174 14.18 -11.15 8.75
N ASN A 175 14.46 -11.64 7.55
CA ASN A 175 15.79 -12.06 7.13
C ASN A 175 16.22 -11.16 5.99
N ARG A 176 16.75 -9.99 6.35
CA ARG A 176 17.00 -8.92 5.39
C ARG A 176 18.45 -8.88 4.97
N ASP A 177 18.67 -8.62 3.69
CA ASP A 177 20.02 -8.44 3.18
C ASP A 177 20.78 -7.44 4.05
N GLY A 178 22.07 -7.73 4.28
CA GLY A 178 22.92 -6.94 5.14
C GLY A 178 22.66 -7.13 6.62
N LEU A 179 21.65 -7.91 6.98
CA LEU A 179 21.17 -8.00 8.35
C LEU A 179 20.81 -9.44 8.73
N LEU A 180 21.45 -10.41 8.06
CA LEU A 180 21.20 -11.82 8.34
C LEU A 180 21.62 -12.14 9.77
N ASP A 181 22.66 -11.45 10.23
CA ASP A 181 23.14 -11.61 11.59
C ASP A 181 22.11 -11.19 12.63
N LYS A 182 21.26 -10.22 12.30
CA LYS A 182 20.17 -9.84 13.19
C LYS A 182 19.11 -10.93 13.27
N ALA A 183 18.88 -11.62 12.17
CA ALA A 183 17.88 -12.67 12.15
C ALA A 183 18.30 -13.85 13.02
N VAL A 184 19.59 -14.21 12.97
CA VAL A 184 20.16 -15.23 13.84
C VAL A 184 19.97 -14.88 15.30
N GLU A 185 20.36 -13.67 15.70
CA GLU A 185 20.30 -13.28 17.11
C GLU A 185 18.88 -13.40 17.67
N GLU A 186 17.86 -12.98 16.89
CA GLU A 186 16.50 -13.04 17.42
C GLU A 186 16.00 -14.48 17.52
N LEU A 187 16.45 -15.33 16.61
CA LEU A 187 16.03 -16.73 16.62
C LEU A 187 16.70 -17.52 17.74
N ILE A 188 18.02 -17.28 17.96
CA ILE A 188 18.68 -17.79 19.16
C ILE A 188 17.91 -17.35 20.39
N SER A 189 17.54 -16.07 20.43
CA SER A 189 16.83 -15.51 21.57
C SER A 189 15.48 -16.19 21.77
N VAL A 190 14.75 -16.44 20.69
CA VAL A 190 13.44 -17.07 20.84
C VAL A 190 13.57 -18.38 21.61
N LEU A 191 14.57 -19.19 21.24
CA LEU A 191 14.71 -20.55 21.73
C LEU A 191 15.34 -20.66 23.11
N LYS A 192 15.81 -19.58 23.70
CA LYS A 192 16.42 -19.65 25.01
C LYS A 192 15.45 -19.25 26.12
N LYS B 2 -12.75 -41.08 -6.52
CA LYS B 2 -11.71 -40.51 -7.38
C LYS B 2 -12.16 -39.26 -8.09
N ASN B 3 -13.39 -39.22 -8.61
CA ASN B 3 -13.83 -37.99 -9.24
C ASN B 3 -13.50 -36.85 -8.28
N LYS B 4 -13.10 -35.71 -8.82
CA LYS B 4 -12.73 -34.60 -7.96
C LYS B 4 -13.96 -33.74 -7.69
N VAL B 5 -13.97 -33.15 -6.49
CA VAL B 5 -14.96 -32.16 -6.09
C VAL B 5 -14.23 -30.85 -5.90
N VAL B 6 -14.67 -29.81 -6.59
CA VAL B 6 -14.01 -28.52 -6.60
C VAL B 6 -14.94 -27.47 -6.05
N VAL B 7 -14.44 -26.63 -5.15
CA VAL B 7 -15.19 -25.51 -4.62
C VAL B 7 -14.67 -24.25 -5.30
N VAL B 8 -15.59 -23.48 -5.89
CA VAL B 8 -15.31 -22.21 -6.55
C VAL B 8 -15.94 -21.10 -5.72
N THR B 9 -15.13 -20.10 -5.38
CA THR B 9 -15.50 -19.04 -4.47
C THR B 9 -15.25 -17.67 -5.07
N GLY B 10 -15.91 -16.66 -4.49
CA GLY B 10 -15.67 -15.28 -4.83
C GLY B 10 -16.69 -14.33 -4.30
N VAL B 11 -16.32 -13.07 -4.06
CA VAL B 11 -17.22 -12.03 -3.54
C VAL B 11 -18.23 -11.75 -4.63
N PRO B 12 -19.43 -11.27 -4.28
CA PRO B 12 -20.41 -10.90 -5.30
C PRO B 12 -19.85 -9.91 -6.31
N GLY B 13 -20.13 -10.17 -7.60
CA GLY B 13 -19.74 -9.34 -8.71
C GLY B 13 -18.41 -9.69 -9.33
N VAL B 14 -17.69 -10.65 -8.78
CA VAL B 14 -16.39 -11.00 -9.37
C VAL B 14 -16.54 -11.91 -10.57
N GLY B 15 -17.71 -12.46 -10.80
CA GLY B 15 -17.91 -13.27 -11.97
C GLY B 15 -17.46 -14.70 -11.84
N GLY B 16 -17.42 -15.25 -10.62
CA GLY B 16 -16.98 -16.62 -10.45
C GLY B 16 -17.99 -17.62 -10.97
N THR B 17 -19.27 -17.26 -10.92
CA THR B 17 -20.31 -18.14 -11.42
C THR B 17 -20.24 -18.27 -12.93
N THR B 18 -20.13 -17.14 -13.61
CA THR B 18 -20.05 -17.13 -15.07
C THR B 18 -18.73 -17.70 -15.58
N LEU B 19 -17.65 -17.57 -14.81
CA LEU B 19 -16.38 -18.21 -15.17
C LEU B 19 -16.57 -19.72 -15.21
N THR B 20 -17.29 -20.28 -14.22
CA THR B 20 -17.49 -21.72 -14.14
C THR B 20 -18.33 -22.27 -15.28
N GLN B 21 -19.41 -21.58 -15.67
CA GLN B 21 -20.29 -22.04 -16.74
C GLN B 21 -19.53 -22.16 -18.07
N LYS B 22 -18.61 -21.21 -18.31
CA LYS B 22 -17.74 -21.29 -19.49
C LYS B 22 -16.77 -22.47 -19.37
N THR B 23 -16.21 -22.68 -18.18
CA THR B 23 -15.23 -23.75 -18.02
C THR B 23 -15.87 -25.14 -18.15
N ILE B 24 -16.96 -25.42 -17.41
CA ILE B 24 -17.64 -26.70 -17.55
C ILE B 24 -18.06 -26.92 -18.99
N GLU B 25 -18.45 -25.84 -19.67
CA GLU B 25 -18.85 -25.93 -21.07
C GLU B 25 -17.67 -26.24 -21.97
N LYS B 26 -16.50 -25.65 -21.71
CA LYS B 26 -15.37 -26.03 -22.54
C LYS B 26 -14.75 -27.37 -22.15
N LEU B 27 -14.83 -27.76 -20.88
CA LEU B 27 -14.25 -29.03 -20.49
C LEU B 27 -14.93 -30.19 -21.20
N LYS B 28 -16.26 -30.09 -21.40
CA LYS B 28 -17.04 -31.15 -22.04
C LYS B 28 -16.70 -31.27 -23.52
N GLU B 29 -16.33 -30.16 -24.16
CA GLU B 29 -15.82 -30.26 -25.53
C GLU B 29 -14.61 -31.18 -25.59
N GLU B 30 -13.80 -31.19 -24.52
CA GLU B 30 -12.63 -32.06 -24.41
C GLU B 30 -12.99 -33.44 -23.86
N GLY B 31 -14.26 -33.68 -23.52
CA GLY B 31 -14.69 -34.98 -23.01
C GLY B 31 -14.56 -35.14 -21.50
N ILE B 32 -14.57 -34.04 -20.76
CA ILE B 32 -14.48 -34.07 -19.30
C ILE B 32 -15.72 -33.42 -18.71
N GLU B 33 -16.54 -34.22 -18.06
CA GLU B 33 -17.81 -33.81 -17.50
C GLU B 33 -17.61 -33.34 -16.07
N TYR B 34 -18.00 -32.11 -15.81
CA TYR B 34 -18.09 -31.58 -14.46
C TYR B 34 -19.53 -31.16 -14.23
N LYS B 35 -20.10 -31.59 -13.11
CA LYS B 35 -21.42 -31.14 -12.73
C LYS B 35 -21.27 -29.95 -11.80
N MET B 36 -22.01 -28.87 -12.12
CA MET B 36 -22.02 -27.65 -11.33
C MET B 36 -23.21 -27.68 -10.37
N VAL B 37 -22.94 -27.39 -9.10
CA VAL B 37 -24.00 -27.26 -8.12
C VAL B 37 -23.75 -26.07 -7.21
N ASN B 38 -24.84 -25.54 -6.66
CA ASN B 38 -24.88 -24.44 -5.71
C ASN B 38 -25.09 -25.02 -4.32
N PHE B 39 -24.19 -24.68 -3.38
CA PHE B 39 -24.27 -25.31 -2.07
C PHE B 39 -25.58 -25.00 -1.37
N GLY B 40 -26.12 -23.80 -1.58
CA GLY B 40 -27.33 -23.39 -0.90
C GLY B 40 -28.56 -24.07 -1.44
N THR B 41 -28.55 -24.41 -2.72
CA THR B 41 -29.65 -25.14 -3.34
C THR B 41 -29.60 -26.60 -3.00
N VAL B 42 -28.42 -27.14 -2.72
CA VAL B 42 -28.33 -28.48 -2.17
C VAL B 42 -28.97 -28.53 -0.79
N MET B 43 -28.73 -27.49 0.01
CA MET B 43 -29.36 -27.37 1.32
C MET B 43 -30.87 -27.23 1.22
N PHE B 44 -31.35 -26.37 0.32
CA PHE B 44 -32.80 -26.23 0.17
C PHE B 44 -33.43 -27.57 -0.22
N GLU B 45 -32.85 -28.26 -1.22
CA GLU B 45 -33.41 -29.54 -1.66
C GLU B 45 -33.40 -30.60 -0.56
N VAL B 46 -32.35 -30.63 0.27
CA VAL B 46 -32.27 -31.58 1.38
C VAL B 46 -33.39 -31.37 2.38
N ALA B 47 -33.71 -30.12 2.68
CA ALA B 47 -34.72 -29.81 3.70
C ALA B 47 -36.13 -30.06 3.21
N LYS B 48 -36.36 -29.98 1.88
CA LYS B 48 -37.69 -30.20 1.32
C LYS B 48 -38.12 -31.67 1.41
N GLU B 49 -37.19 -32.59 1.20
CA GLU B 49 -37.43 -33.98 1.51
C GLU B 49 -37.71 -34.21 2.98
N GLU B 50 -37.08 -33.39 3.82
CA GLU B 50 -37.10 -33.51 5.26
C GLU B 50 -38.31 -32.82 5.92
N GLY B 51 -39.29 -32.45 5.12
CA GLY B 51 -40.47 -31.82 5.65
C GLY B 51 -40.21 -30.52 6.33
N LEU B 52 -38.98 -30.06 6.31
CA LEU B 52 -38.61 -28.89 7.08
C LEU B 52 -39.06 -27.64 6.35
N VAL B 53 -39.06 -27.67 5.01
CA VAL B 53 -39.47 -26.52 4.21
C VAL B 53 -40.28 -26.96 3.00
N GLU B 54 -41.01 -25.99 2.46
CA GLU B 54 -41.57 -26.01 1.13
C GLU B 54 -41.14 -24.80 0.31
N ASP B 55 -40.63 -23.75 0.98
CA ASP B 55 -40.33 -22.43 0.42
C ASP B 55 -38.94 -22.07 0.89
N ARG B 56 -38.19 -21.34 0.05
CA ARG B 56 -36.84 -20.94 0.44
C ARG B 56 -36.93 -19.86 1.51
N ASP B 57 -38.15 -19.36 1.73
CA ASP B 57 -38.43 -18.36 2.76
C ASP B 57 -38.18 -18.96 4.13
N GLN B 58 -38.62 -20.21 4.34
CA GLN B 58 -38.51 -21.02 5.54
C GLN B 58 -37.10 -21.51 5.89
N MET B 59 -36.14 -21.41 4.96
CA MET B 59 -34.81 -21.97 5.24
C MET B 59 -34.03 -21.11 6.23
N ARG B 60 -34.00 -19.79 6.00
CA ARG B 60 -33.27 -18.87 6.87
C ARG B 60 -34.17 -18.55 8.07
N LYS B 61 -35.06 -19.51 8.46
CA LYS B 61 -35.81 -19.45 9.72
C LYS B 61 -35.89 -20.78 10.48
N LEU B 62 -34.97 -21.72 10.25
CA LEU B 62 -34.94 -22.97 11.00
C LEU B 62 -33.95 -22.87 12.16
N ASP B 63 -34.20 -23.67 13.22
CA ASP B 63 -33.39 -23.60 14.43
C ASP B 63 -31.95 -23.96 14.13
N PRO B 64 -30.98 -23.43 14.89
CA PRO B 64 -29.57 -23.57 14.50
C PRO B 64 -29.02 -25.00 14.60
N ASP B 65 -29.62 -25.88 15.38
CA ASP B 65 -29.14 -27.27 15.40
C ASP B 65 -29.49 -28.00 14.11
N THR B 66 -30.75 -27.92 13.69
CA THR B 66 -31.14 -28.62 12.48
C THR B 66 -30.54 -27.95 11.24
N GLN B 67 -30.25 -26.66 11.29
CA GLN B 67 -29.72 -26.04 10.06
C GLN B 67 -28.23 -26.36 9.96
N LYS B 68 -27.53 -26.66 11.04
CA LYS B 68 -26.23 -27.32 10.94
C LYS B 68 -26.38 -28.73 10.45
N ARG B 69 -27.47 -29.39 10.84
CA ARG B 69 -27.67 -30.74 10.33
C ARG B 69 -27.92 -30.75 8.85
N ILE B 70 -28.65 -29.74 8.37
CA ILE B 70 -28.86 -29.60 6.93
C ILE B 70 -27.54 -29.33 6.23
N GLN B 71 -26.72 -28.46 6.82
CA GLN B 71 -25.41 -28.16 6.24
C GLN B 71 -24.63 -29.44 6.01
N LYS B 72 -24.58 -30.28 7.03
CA LYS B 72 -23.84 -31.53 6.97
C LYS B 72 -24.35 -32.47 5.89
N LEU B 73 -25.68 -32.64 5.80
CA LEU B 73 -26.27 -33.51 4.78
C LEU B 73 -26.05 -32.95 3.38
N ALA B 74 -25.86 -31.62 3.26
CA ALA B 74 -25.50 -31.06 1.97
C ALA B 74 -24.09 -31.51 1.57
N GLY B 75 -23.14 -31.40 2.51
CA GLY B 75 -21.81 -31.90 2.25
C GLY B 75 -21.81 -33.38 1.93
N ARG B 76 -22.59 -34.17 2.65
CA ARG B 76 -22.65 -35.58 2.32
C ARG B 76 -23.24 -35.82 0.94
N LYS B 77 -24.37 -35.15 0.64
CA LYS B 77 -25.02 -35.41 -0.63
C LYS B 77 -24.16 -34.95 -1.80
N ILE B 78 -23.46 -33.83 -1.68
CA ILE B 78 -22.53 -33.48 -2.77
C ILE B 78 -21.43 -34.53 -2.88
N ALA B 79 -20.95 -35.04 -1.74
CA ALA B 79 -19.98 -36.12 -1.77
C ALA B 79 -20.55 -37.39 -2.39
N GLU B 80 -21.87 -37.57 -2.32
CA GLU B 80 -22.47 -38.70 -3.03
C GLU B 80 -22.53 -38.47 -4.54
N MET B 81 -22.82 -37.25 -4.99
CA MET B 81 -22.85 -37.00 -6.43
C MET B 81 -21.49 -37.30 -7.06
N ALA B 82 -20.41 -37.17 -6.27
CA ALA B 82 -19.05 -37.40 -6.73
C ALA B 82 -18.75 -38.86 -6.98
N LYS B 83 -19.62 -39.77 -6.54
CA LYS B 83 -19.44 -41.16 -6.93
C LYS B 83 -19.74 -41.31 -8.42
N GLU B 84 -20.53 -40.40 -8.99
CA GLU B 84 -20.95 -40.58 -10.38
C GLU B 84 -20.35 -39.57 -11.35
N SER B 85 -19.83 -38.46 -10.87
CA SER B 85 -19.22 -37.52 -11.80
C SER B 85 -18.45 -36.53 -10.94
N ASN B 86 -17.48 -35.88 -11.57
CA ASN B 86 -16.84 -34.74 -10.93
C ASN B 86 -17.89 -33.68 -10.62
N VAL B 87 -17.71 -32.98 -9.52
CA VAL B 87 -18.69 -32.04 -9.00
C VAL B 87 -17.97 -30.73 -8.76
N ILE B 88 -18.58 -29.64 -9.21
CA ILE B 88 -18.08 -28.29 -8.98
C ILE B 88 -19.12 -27.54 -8.18
N VAL B 89 -18.70 -27.05 -7.01
CA VAL B 89 -19.58 -26.45 -6.01
C VAL B 89 -19.35 -24.95 -5.96
N ASP B 90 -20.37 -24.17 -6.32
CA ASP B 90 -20.32 -22.71 -6.23
C ASP B 90 -20.79 -22.29 -4.84
N THR B 91 -19.88 -21.71 -4.06
CA THR B 91 -20.25 -21.25 -2.74
C THR B 91 -19.34 -20.10 -2.29
N HIS B 92 -19.71 -19.50 -1.19
CA HIS B 92 -19.00 -18.41 -0.58
C HIS B 92 -17.98 -19.00 0.35
N SER B 93 -16.73 -18.54 0.26
CA SER B 93 -15.77 -18.86 1.31
C SER B 93 -16.20 -18.24 2.63
N THR B 94 -16.63 -16.97 2.57
CA THR B 94 -17.39 -16.39 3.66
C THR B 94 -18.55 -15.60 3.07
N VAL B 95 -19.64 -15.59 3.79
CA VAL B 95 -20.79 -14.72 3.53
C VAL B 95 -20.61 -13.46 4.36
N LYS B 96 -20.66 -12.30 3.68
CA LYS B 96 -20.64 -10.99 4.33
C LYS B 96 -22.08 -10.72 4.68
N THR B 97 -22.43 -10.91 5.94
CA THR B 97 -23.75 -10.68 6.52
C THR B 97 -23.67 -9.46 7.43
N PRO B 98 -24.81 -8.94 7.89
CA PRO B 98 -24.72 -7.76 8.77
C PRO B 98 -23.99 -8.04 10.08
N LYS B 99 -23.98 -9.30 10.57
CA LYS B 99 -23.31 -9.60 11.85
C LYS B 99 -21.84 -9.90 11.67
N GLY B 100 -21.36 -10.03 10.44
CA GLY B 100 -19.95 -10.31 10.20
C GLY B 100 -19.82 -11.44 9.22
N TYR B 101 -18.54 -11.81 8.97
CA TYR B 101 -18.21 -12.86 8.03
C TYR B 101 -18.57 -14.24 8.59
N LEU B 102 -19.29 -15.00 7.78
CA LEU B 102 -19.76 -16.35 8.11
C LEU B 102 -19.10 -17.37 7.17
N ALA B 103 -18.35 -18.30 7.72
CA ALA B 103 -17.75 -19.31 6.85
C ALA B 103 -18.81 -20.19 6.17
N GLY B 104 -18.66 -20.35 4.85
CA GLY B 104 -19.52 -21.18 4.03
C GLY B 104 -19.26 -22.68 4.11
N LEU B 105 -18.10 -23.08 4.56
CA LEU B 105 -17.75 -24.49 4.78
C LEU B 105 -17.17 -24.57 6.19
N PRO B 106 -18.02 -24.43 7.21
CA PRO B 106 -17.57 -24.74 8.57
C PRO B 106 -17.06 -26.18 8.69
N ILE B 107 -16.30 -26.43 9.76
CA ILE B 107 -15.59 -27.69 9.86
C ILE B 107 -16.52 -28.88 9.68
N TRP B 108 -17.74 -28.83 10.20
CA TRP B 108 -18.57 -30.02 10.09
C TRP B 108 -18.96 -30.31 8.65
N VAL B 109 -19.02 -29.27 7.83
CA VAL B 109 -19.30 -29.49 6.42
C VAL B 109 -18.08 -30.04 5.70
N LEU B 110 -16.89 -29.52 5.99
CA LEU B 110 -15.71 -30.03 5.31
C LEU B 110 -15.51 -31.52 5.57
N GLU B 111 -15.83 -31.97 6.78
CA GLU B 111 -15.62 -33.37 7.10
C GLU B 111 -16.46 -34.28 6.20
N GLU B 112 -17.62 -33.79 5.78
CA GLU B 112 -18.54 -34.50 4.89
C GLU B 112 -18.31 -34.22 3.40
N LEU B 113 -17.95 -33.00 3.03
CA LEU B 113 -17.80 -32.66 1.61
C LEU B 113 -16.48 -33.18 1.01
N ASN B 114 -15.39 -33.09 1.76
CA ASN B 114 -14.06 -33.52 1.32
C ASN B 114 -13.60 -32.93 -0.01
N PRO B 115 -13.54 -31.62 -0.13
CA PRO B 115 -13.09 -31.03 -1.41
C PRO B 115 -11.64 -31.40 -1.71
N ASP B 116 -11.33 -31.38 -3.00
CA ASP B 116 -9.96 -31.53 -3.46
C ASP B 116 -9.33 -30.19 -3.81
N ILE B 117 -10.11 -29.22 -4.25
CA ILE B 117 -9.60 -27.91 -4.62
C ILE B 117 -10.56 -26.86 -4.06
N ILE B 118 -10.01 -25.81 -3.46
CA ILE B 118 -10.74 -24.59 -3.14
C ILE B 118 -10.22 -23.54 -4.14
N VAL B 119 -11.11 -22.97 -4.95
CA VAL B 119 -10.74 -21.94 -5.91
C VAL B 119 -11.28 -20.60 -5.42
N ILE B 120 -10.40 -19.60 -5.37
CA ILE B 120 -10.75 -18.22 -5.01
C ILE B 120 -10.65 -17.40 -6.28
N VAL B 121 -11.75 -16.75 -6.67
CA VAL B 121 -11.79 -15.85 -7.82
C VAL B 121 -11.69 -14.42 -7.29
N GLU B 122 -10.69 -13.68 -7.77
CA GLU B 122 -10.39 -12.32 -7.31
C GLU B 122 -10.17 -11.36 -8.46
N THR B 123 -10.42 -10.09 -8.20
CA THR B 123 -9.90 -9.00 -9.02
C THR B 123 -9.87 -7.76 -8.13
N SER B 124 -9.57 -6.61 -8.74
CA SER B 124 -9.54 -5.35 -8.00
C SER B 124 -10.92 -4.98 -7.48
N SER B 125 -10.94 -4.37 -6.29
CA SER B 125 -12.19 -3.86 -5.75
C SER B 125 -12.84 -2.84 -6.68
N ASP B 126 -12.02 -2.06 -7.40
CA ASP B 126 -12.56 -1.11 -8.37
C ASP B 126 -13.40 -1.82 -9.44
N GLU B 127 -12.83 -2.85 -10.05
CA GLU B 127 -13.57 -3.62 -11.07
C GLU B 127 -14.81 -4.27 -10.48
N ILE B 128 -14.71 -4.78 -9.24
CA ILE B 128 -15.86 -5.41 -8.61
C ILE B 128 -16.96 -4.39 -8.36
N LEU B 129 -16.58 -3.20 -7.94
CA LEU B 129 -17.58 -2.20 -7.59
C LEU B 129 -18.25 -1.61 -8.83
N MET B 130 -17.52 -1.49 -9.94
CA MET B 130 -18.16 -0.97 -11.15
C MET B 130 -19.12 -2.02 -11.72
N ARG B 131 -18.75 -3.29 -11.66
CA ARG B 131 -19.69 -4.35 -12.05
C ARG B 131 -20.97 -4.28 -11.23
N ARG B 132 -20.85 -4.05 -9.92
CA ARG B 132 -22.02 -4.05 -9.05
C ARG B 132 -23.00 -2.93 -9.42
N LEU B 133 -22.51 -1.72 -9.67
CA LEU B 133 -23.41 -0.63 -10.07
C LEU B 133 -24.06 -0.91 -11.41
N GLY B 134 -23.38 -1.63 -12.31
CA GLY B 134 -23.98 -1.90 -13.60
C GLY B 134 -25.16 -2.83 -13.47
N ASP B 135 -24.96 -3.92 -12.72
CA ASP B 135 -26.06 -4.80 -12.33
C ASP B 135 -27.20 -4.09 -11.63
N ALA B 136 -28.34 -3.90 -12.31
CA ALA B 136 -29.59 -3.48 -11.66
C ALA B 136 -30.17 -4.54 -10.71
N THR B 137 -29.47 -5.66 -10.52
CA THR B 137 -29.84 -6.72 -9.59
C THR B 137 -28.93 -6.69 -8.35
N ARG B 138 -28.45 -5.47 -7.99
CA ARG B 138 -27.81 -5.23 -6.70
C ARG B 138 -28.74 -4.37 -5.86
N ASN B 139 -29.36 -4.98 -4.85
CA ASN B 139 -30.06 -4.26 -3.81
C ASN B 139 -29.31 -4.39 -2.47
N ILE B 142 -23.44 -0.01 -2.36
CA ILE B 142 -23.78 0.66 -1.11
C ILE B 142 -22.51 0.47 -0.25
N GLU B 143 -21.71 -0.55 -0.61
CA GLU B 143 -20.44 -0.74 0.06
C GLU B 143 -19.25 -0.42 -0.83
N LEU B 144 -18.18 -0.02 -0.16
CA LEU B 144 -17.02 0.69 -0.64
C LEU B 144 -15.92 -0.25 -1.14
N THR B 145 -14.85 0.34 -1.68
CA THR B 145 -13.77 -0.51 -2.17
C THR B 145 -13.00 -1.09 -1.00
N SER B 146 -12.96 -0.38 0.14
CA SER B 146 -12.30 -0.89 1.34
C SER B 146 -13.05 -2.06 1.97
N ASP B 147 -14.39 -2.00 1.97
CA ASP B 147 -15.20 -3.11 2.45
C ASP B 147 -15.04 -4.33 1.55
N ILE B 148 -14.90 -4.09 0.24
CA ILE B 148 -14.75 -5.19 -0.69
C ILE B 148 -13.39 -5.87 -0.54
N ASP B 149 -12.33 -5.09 -0.34
CA ASP B 149 -11.02 -5.68 -0.12
C ASP B 149 -10.92 -6.42 1.19
N GLU B 150 -11.57 -5.90 2.24
CA GLU B 150 -11.61 -6.61 3.51
C GLU B 150 -12.24 -7.99 3.35
N HIS B 151 -13.27 -8.09 2.53
CA HIS B 151 -13.96 -9.36 2.28
C HIS B 151 -13.05 -10.32 1.52
N GLN B 152 -12.29 -9.78 0.56
CA GLN B 152 -11.33 -10.62 -0.16
C GLN B 152 -10.22 -11.11 0.76
N PHE B 153 -9.85 -10.31 1.77
CA PHE B 153 -8.89 -10.71 2.79
C PHE B 153 -9.41 -11.90 3.61
N MET B 154 -10.62 -11.80 4.18
CA MET B 154 -11.19 -12.85 5.04
C MET B 154 -11.45 -14.13 4.27
N ASN B 155 -11.85 -14.01 3.01
CA ASN B 155 -12.06 -15.18 2.18
C ASN B 155 -10.78 -15.98 2.02
N ARG B 156 -9.66 -15.26 1.93
CA ARG B 156 -8.35 -15.92 1.85
C ARG B 156 -8.01 -16.65 3.13
N CYS B 157 -8.23 -15.99 4.27
CA CYS B 157 -7.95 -16.61 5.55
C CYS B 157 -8.79 -17.87 5.74
N ALA B 158 -10.04 -17.84 5.28
CA ALA B 158 -10.93 -18.97 5.43
C ALA B 158 -10.53 -20.11 4.51
N ALA B 159 -10.25 -19.78 3.26
CA ALA B 159 -9.95 -20.77 2.25
C ALA B 159 -8.68 -21.50 2.58
N MET B 160 -7.67 -20.78 3.04
CA MET B 160 -6.45 -21.41 3.49
C MET B 160 -6.73 -22.32 4.67
N ALA B 161 -7.68 -21.93 5.53
CA ALA B 161 -8.06 -22.75 6.66
C ALA B 161 -8.67 -24.06 6.18
N TYR B 162 -9.46 -24.03 5.12
CA TYR B 162 -9.99 -25.27 4.54
C TYR B 162 -8.89 -26.24 4.14
N GLY B 163 -7.83 -25.74 3.47
CA GLY B 163 -6.74 -26.60 3.03
C GLY B 163 -5.99 -27.23 4.16
N VAL B 164 -5.77 -26.49 5.25
CA VAL B 164 -5.10 -27.01 6.45
C VAL B 164 -5.89 -28.16 7.08
N LEU B 165 -7.23 -28.05 7.09
CA LEU B 165 -8.06 -29.05 7.75
C LEU B 165 -8.33 -30.25 6.85
N THR B 166 -8.26 -30.09 5.55
CA THR B 166 -8.66 -31.13 4.61
C THR B 166 -7.54 -31.66 3.71
N GLY B 167 -6.50 -30.88 3.42
CA GLY B 167 -5.54 -31.19 2.40
C GLY B 167 -5.87 -30.70 1.01
N ALA B 168 -7.00 -30.01 0.81
CA ALA B 168 -7.33 -29.42 -0.47
C ALA B 168 -6.35 -28.31 -0.80
N THR B 169 -5.94 -28.25 -2.06
CA THR B 169 -5.19 -27.11 -2.56
C THR B 169 -6.08 -25.88 -2.65
N VAL B 170 -5.47 -24.73 -2.40
CA VAL B 170 -6.18 -23.45 -2.42
C VAL B 170 -5.59 -22.64 -3.57
N LYS B 171 -6.39 -22.36 -4.59
CA LYS B 171 -5.92 -21.75 -5.83
C LYS B 171 -6.59 -20.40 -6.01
N ILE B 172 -5.81 -19.37 -6.32
CA ILE B 172 -6.31 -18.03 -6.62
C ILE B 172 -6.25 -17.81 -8.13
N ILE B 173 -7.37 -17.41 -8.72
CA ILE B 173 -7.44 -17.05 -10.13
C ILE B 173 -7.88 -15.60 -10.22
N LYS B 174 -7.22 -14.82 -11.07
CA LYS B 174 -7.58 -13.43 -11.29
C LYS B 174 -8.47 -13.34 -12.52
N ASN B 175 -9.64 -12.72 -12.37
CA ASN B 175 -10.65 -12.57 -13.42
C ASN B 175 -10.83 -11.08 -13.71
N ARG B 176 -9.94 -10.56 -14.53
CA ARG B 176 -9.81 -9.13 -14.76
C ARG B 176 -10.59 -8.71 -16.01
N ASP B 177 -11.12 -7.48 -15.94
CA ASP B 177 -11.78 -6.89 -17.10
C ASP B 177 -10.88 -6.94 -18.32
N GLY B 178 -11.48 -7.29 -19.47
CA GLY B 178 -10.75 -7.44 -20.71
C GLY B 178 -9.93 -8.71 -20.80
N LEU B 179 -9.93 -9.53 -19.75
CA LEU B 179 -9.09 -10.73 -19.62
C LEU B 179 -9.91 -11.90 -19.08
N LEU B 180 -11.22 -11.91 -19.36
CA LEU B 180 -12.08 -12.97 -18.84
C LEU B 180 -11.72 -14.32 -19.46
N ASP B 181 -11.47 -14.34 -20.78
CA ASP B 181 -11.08 -15.56 -21.48
C ASP B 181 -9.75 -16.11 -20.94
N LYS B 182 -8.92 -15.25 -20.35
CA LYS B 182 -7.65 -15.68 -19.76
C LYS B 182 -7.87 -16.46 -18.47
N ALA B 183 -8.88 -16.05 -17.69
CA ALA B 183 -9.20 -16.70 -16.43
C ALA B 183 -9.74 -18.12 -16.66
N VAL B 184 -10.57 -18.27 -17.68
CA VAL B 184 -11.09 -19.59 -18.04
C VAL B 184 -9.93 -20.54 -18.34
N GLU B 185 -8.99 -20.10 -19.18
CA GLU B 185 -7.88 -20.97 -19.55
C GLU B 185 -7.11 -21.45 -18.30
N GLU B 186 -6.97 -20.58 -17.31
CA GLU B 186 -6.25 -20.99 -16.12
C GLU B 186 -7.02 -22.05 -15.36
N LEU B 187 -8.35 -21.94 -15.34
CA LEU B 187 -9.15 -22.89 -14.60
C LEU B 187 -9.27 -24.23 -15.33
N ILE B 188 -9.51 -24.22 -16.65
CA ILE B 188 -9.44 -25.48 -17.39
C ILE B 188 -8.16 -26.21 -17.03
N SER B 189 -7.05 -25.46 -16.97
CA SER B 189 -5.76 -26.02 -16.62
C SER B 189 -5.80 -26.64 -15.23
N VAL B 190 -6.46 -25.95 -14.27
CA VAL B 190 -6.54 -26.47 -12.91
C VAL B 190 -7.14 -27.86 -12.92
N LEU B 191 -8.20 -28.04 -13.71
CA LEU B 191 -8.94 -29.30 -13.85
C LEU B 191 -8.21 -30.16 -14.89
N LYS B 192 -7.26 -30.97 -14.39
CA LYS B 192 -6.47 -31.93 -15.18
C LYS B 192 -6.30 -33.24 -14.43
N LYS C 2 -29.94 -20.42 24.17
CA LYS C 2 -30.78 -19.38 23.58
C LYS C 2 -29.94 -18.09 23.69
N ASN C 3 -29.36 -17.88 24.87
CA ASN C 3 -28.49 -16.74 25.14
C ASN C 3 -27.27 -16.78 24.25
N LYS C 4 -26.76 -15.61 23.88
CA LYS C 4 -25.60 -15.54 23.03
C LYS C 4 -24.30 -15.43 23.87
N VAL C 5 -23.21 -15.98 23.32
CA VAL C 5 -21.84 -15.79 23.85
C VAL C 5 -21.02 -15.03 22.80
N VAL C 6 -20.51 -13.86 23.18
CA VAL C 6 -19.86 -12.96 22.24
C VAL C 6 -18.43 -12.78 22.70
N VAL C 7 -17.50 -12.88 21.77
CA VAL C 7 -16.09 -12.61 22.00
C VAL C 7 -15.75 -11.29 21.31
N VAL C 8 -15.16 -10.37 22.07
CA VAL C 8 -14.66 -9.08 21.56
C VAL C 8 -13.14 -9.10 21.68
N THR C 9 -12.46 -8.83 20.56
CA THR C 9 -11.00 -8.90 20.44
C THR C 9 -10.46 -7.57 19.93
N GLY C 10 -9.19 -7.35 20.20
CA GLY C 10 -8.47 -6.16 19.79
C GLY C 10 -7.07 -6.09 20.39
N VAL C 11 -6.14 -5.40 19.70
CA VAL C 11 -4.77 -5.23 20.20
C VAL C 11 -4.79 -4.24 21.35
N PRO C 12 -3.81 -4.27 22.25
CA PRO C 12 -3.80 -3.28 23.33
C PRO C 12 -3.89 -1.86 22.79
N GLY C 13 -4.70 -1.05 23.45
CA GLY C 13 -4.84 0.34 23.13
C GLY C 13 -5.90 0.70 22.11
N VAL C 14 -6.57 -0.27 21.50
CA VAL C 14 -7.60 -0.01 20.51
C VAL C 14 -8.96 0.33 21.10
N GLY C 15 -9.13 0.20 22.42
CA GLY C 15 -10.33 0.64 23.14
C GLY C 15 -11.50 -0.31 23.14
N GLY C 16 -11.30 -1.60 22.87
CA GLY C 16 -12.42 -2.52 22.81
C GLY C 16 -13.09 -2.75 24.15
N THR C 17 -12.34 -2.62 25.24
CA THR C 17 -12.94 -2.76 26.56
C THR C 17 -13.89 -1.59 26.83
N THR C 18 -13.43 -0.36 26.61
CA THR C 18 -14.30 0.81 26.83
C THR C 18 -15.48 0.83 25.87
N LEU C 19 -15.27 0.39 24.63
CA LEU C 19 -16.36 0.17 23.69
C LEU C 19 -17.35 -0.85 24.25
N THR C 20 -16.85 -1.97 24.80
CA THR C 20 -17.74 -3.01 25.31
C THR C 20 -18.58 -2.53 26.49
N GLN C 21 -17.93 -1.91 27.47
CA GLN C 21 -18.63 -1.41 28.64
C GLN C 21 -19.69 -0.40 28.22
N LYS C 22 -19.35 0.47 27.25
CA LYS C 22 -20.34 1.42 26.77
C LYS C 22 -21.52 0.71 26.10
N THR C 23 -21.24 -0.29 25.28
CA THR C 23 -22.30 -1.02 24.60
C THR C 23 -23.17 -1.77 25.61
N ILE C 24 -22.54 -2.45 26.58
CA ILE C 24 -23.29 -3.18 27.61
C ILE C 24 -24.25 -2.27 28.38
N GLU C 25 -23.83 -1.04 28.68
CA GLU C 25 -24.66 -0.15 29.49
C GLU C 25 -25.88 0.33 28.70
N LYS C 26 -25.69 0.66 27.42
CA LYS C 26 -26.81 1.14 26.64
C LYS C 26 -27.75 0.00 26.27
N LEU C 27 -27.22 -1.22 26.08
CA LEU C 27 -28.08 -2.37 25.83
C LEU C 27 -29.00 -2.66 27.02
N LYS C 28 -28.49 -2.50 28.24
CA LYS C 28 -29.31 -2.79 29.42
C LYS C 28 -30.44 -1.79 29.55
N GLU C 29 -30.25 -0.56 29.06
CA GLU C 29 -31.36 0.39 29.06
C GLU C 29 -32.54 -0.17 28.27
N GLU C 30 -32.25 -0.92 27.21
CA GLU C 30 -33.22 -1.56 26.32
C GLU C 30 -33.70 -2.90 26.85
N GLY C 31 -33.31 -3.31 28.05
CA GLY C 31 -33.79 -4.58 28.56
C GLY C 31 -33.00 -5.77 28.09
N ILE C 32 -31.71 -5.59 27.78
CA ILE C 32 -30.84 -6.70 27.37
C ILE C 32 -29.65 -6.81 28.35
N GLU C 33 -29.55 -7.97 29.02
CA GLU C 33 -28.51 -8.21 30.01
C GLU C 33 -27.34 -8.87 29.29
N TYR C 34 -26.17 -8.22 29.36
CA TYR C 34 -24.90 -8.83 29.00
C TYR C 34 -24.04 -8.75 30.23
N LYS C 35 -23.50 -9.90 30.62
CA LYS C 35 -22.48 -9.95 31.65
C LYS C 35 -21.14 -9.86 30.93
N MET C 36 -20.24 -9.01 31.41
CA MET C 36 -18.93 -8.86 30.80
C MET C 36 -17.91 -9.68 31.58
N VAL C 37 -17.12 -10.49 30.88
CA VAL C 37 -16.05 -11.23 31.55
C VAL C 37 -14.76 -11.10 30.75
N ASN C 38 -13.65 -11.25 31.46
CA ASN C 38 -12.31 -11.30 30.90
C ASN C 38 -11.85 -12.74 30.90
N PHE C 39 -11.49 -13.27 29.72
CA PHE C 39 -11.12 -14.69 29.63
C PHE C 39 -9.91 -14.99 30.51
N GLY C 40 -9.03 -14.02 30.68
CA GLY C 40 -7.83 -14.25 31.46
C GLY C 40 -8.10 -14.34 32.94
N THR C 41 -9.09 -13.61 33.43
CA THR C 41 -9.44 -13.70 34.84
C THR C 41 -10.31 -14.92 35.14
N VAL C 42 -11.05 -15.40 34.13
CA VAL C 42 -11.80 -16.64 34.28
C VAL C 42 -10.83 -17.82 34.41
N MET C 43 -9.71 -17.79 33.67
CA MET C 43 -8.70 -18.82 33.86
C MET C 43 -8.10 -18.77 35.27
N PHE C 44 -7.82 -17.57 35.79
CA PHE C 44 -7.30 -17.48 37.16
C PHE C 44 -8.30 -18.08 38.14
N GLU C 45 -9.57 -17.69 38.03
CA GLU C 45 -10.59 -18.18 38.96
C GLU C 45 -10.73 -19.71 38.87
N VAL C 46 -10.67 -20.26 37.65
CA VAL C 46 -10.78 -21.70 37.49
C VAL C 46 -9.59 -22.44 38.11
N ALA C 47 -8.38 -21.87 37.99
CA ALA C 47 -7.19 -22.55 38.53
C ALA C 47 -7.17 -22.50 40.05
N LYS C 48 -7.84 -21.49 40.64
CA LYS C 48 -7.91 -21.38 42.10
C LYS C 48 -8.86 -22.39 42.72
N GLU C 49 -10.00 -22.61 42.06
CA GLU C 49 -10.99 -23.55 42.59
C GLU C 49 -10.41 -24.94 42.67
N GLU C 50 -9.57 -25.30 41.69
CA GLU C 50 -8.99 -26.64 41.56
C GLU C 50 -7.71 -26.81 42.33
N GLY C 51 -7.37 -25.85 43.21
CA GLY C 51 -6.17 -25.91 44.03
C GLY C 51 -4.87 -25.71 43.31
N LEU C 52 -4.87 -25.27 42.04
CA LEU C 52 -3.58 -25.21 41.36
C LEU C 52 -2.76 -23.97 41.74
N VAL C 53 -3.39 -22.83 41.98
CA VAL C 53 -2.65 -21.63 42.34
C VAL C 53 -3.37 -20.84 43.42
N GLU C 54 -2.65 -19.84 43.94
CA GLU C 54 -3.21 -18.77 44.73
C GLU C 54 -2.92 -17.38 44.20
N ASP C 55 -2.06 -17.25 43.18
CA ASP C 55 -1.56 -15.97 42.66
C ASP C 55 -1.76 -15.98 41.16
N ARG C 56 -2.03 -14.80 40.60
CA ARG C 56 -2.28 -14.68 39.18
C ARG C 56 -1.01 -14.72 38.34
N ASP C 57 0.16 -14.54 38.96
CA ASP C 57 1.46 -14.65 38.30
C ASP C 57 1.96 -16.08 38.30
N GLN C 58 1.62 -16.86 39.34
CA GLN C 58 1.98 -18.26 39.42
C GLN C 58 1.42 -19.10 38.28
N MET C 59 0.53 -18.55 37.46
CA MET C 59 -0.02 -19.33 36.36
C MET C 59 0.96 -19.50 35.18
N ARG C 60 1.71 -18.45 34.81
CA ARG C 60 2.65 -18.60 33.70
C ARG C 60 3.96 -19.27 34.17
N LYS C 61 3.88 -20.12 35.21
CA LYS C 61 4.98 -21.03 35.55
C LYS C 61 4.44 -22.43 35.82
N LEU C 62 3.23 -22.74 35.34
CA LEU C 62 2.65 -24.07 35.41
C LEU C 62 2.91 -24.79 34.09
N ASP C 63 3.03 -26.11 34.17
CA ASP C 63 3.43 -26.87 32.99
C ASP C 63 2.38 -26.71 31.90
N PRO C 64 2.78 -26.81 30.63
CA PRO C 64 1.84 -26.47 29.55
C PRO C 64 0.65 -27.41 29.49
N ASP C 65 0.77 -28.58 30.09
CA ASP C 65 -0.29 -29.58 30.10
C ASP C 65 -1.45 -29.19 31.00
N THR C 66 -1.19 -28.88 32.27
CA THR C 66 -2.31 -28.48 33.13
C THR C 66 -2.75 -27.07 32.77
N GLN C 67 -1.85 -26.28 32.20
CA GLN C 67 -2.23 -24.95 31.76
C GLN C 67 -3.17 -24.98 30.60
N LYS C 68 -3.07 -26.03 29.80
CA LYS C 68 -4.05 -26.26 28.75
C LYS C 68 -5.40 -26.72 29.30
N ARG C 69 -5.39 -27.43 30.42
CA ARG C 69 -6.62 -27.88 31.04
C ARG C 69 -7.37 -26.70 31.65
N ILE C 70 -6.64 -25.74 32.24
CA ILE C 70 -7.27 -24.53 32.76
C ILE C 70 -7.98 -23.79 31.63
N GLN C 71 -7.34 -23.71 30.47
CA GLN C 71 -7.96 -23.12 29.29
C GLN C 71 -9.27 -23.80 28.92
N LYS C 72 -9.24 -25.15 28.84
CA LYS C 72 -10.44 -25.92 28.50
C LYS C 72 -11.55 -25.66 29.51
N LEU C 73 -11.22 -25.65 30.78
CA LEU C 73 -12.23 -25.40 31.79
C LEU C 73 -12.73 -23.97 31.76
N ALA C 74 -11.89 -23.01 31.36
CA ALA C 74 -12.30 -21.61 31.33
C ALA C 74 -13.38 -21.39 30.28
N GLY C 75 -13.18 -21.93 29.07
CA GLY C 75 -14.21 -21.85 28.05
C GLY C 75 -15.50 -22.48 28.52
N ARG C 76 -15.39 -23.62 29.21
CA ARG C 76 -16.57 -24.29 29.78
C ARG C 76 -17.29 -23.41 30.79
N LYS C 77 -16.55 -22.69 31.65
CA LYS C 77 -17.22 -21.87 32.65
C LYS C 77 -18.05 -20.75 32.02
N ILE C 78 -17.55 -20.12 30.94
CA ILE C 78 -18.32 -19.06 30.29
C ILE C 78 -19.60 -19.61 29.65
N ALA C 79 -19.52 -20.76 28.97
CA ALA C 79 -20.72 -21.39 28.44
C ALA C 79 -21.68 -21.77 29.55
N GLU C 80 -21.16 -22.01 30.75
CA GLU C 80 -22.06 -22.24 31.87
C GLU C 80 -22.74 -20.95 32.29
N MET C 81 -21.98 -19.84 32.34
CA MET C 81 -22.59 -18.55 32.67
C MET C 81 -23.65 -18.17 31.65
N ALA C 82 -23.56 -18.69 30.43
CA ALA C 82 -24.48 -18.38 29.35
C ALA C 82 -25.88 -18.99 29.51
N LYS C 83 -26.09 -19.90 30.46
CA LYS C 83 -27.45 -20.35 30.74
C LYS C 83 -28.27 -19.22 31.38
N GLU C 84 -27.57 -18.23 31.96
CA GLU C 84 -28.17 -17.22 32.81
C GLU C 84 -28.16 -15.80 32.26
N SER C 85 -27.34 -15.54 31.27
CA SER C 85 -27.25 -14.22 30.66
C SER C 85 -26.50 -14.43 29.36
N ASN C 86 -26.70 -13.49 28.44
CA ASN C 86 -25.75 -13.31 27.35
C ASN C 86 -24.42 -12.96 28.01
N VAL C 87 -23.32 -13.39 27.38
CA VAL C 87 -22.00 -13.18 27.95
C VAL C 87 -21.08 -12.64 26.86
N ILE C 88 -20.31 -11.60 27.20
CA ILE C 88 -19.31 -10.99 26.35
C ILE C 88 -17.95 -11.23 26.98
N VAL C 89 -17.04 -11.79 26.22
CA VAL C 89 -15.71 -12.17 26.67
C VAL C 89 -14.67 -11.21 26.05
N ASP C 90 -13.96 -10.48 26.90
CA ASP C 90 -12.84 -9.63 26.50
C ASP C 90 -11.59 -10.52 26.44
N THR C 91 -11.05 -10.71 25.25
CA THR C 91 -9.91 -11.61 25.12
C THR C 91 -9.14 -11.22 23.87
N HIS C 92 -7.89 -11.64 23.83
CA HIS C 92 -7.05 -11.35 22.69
C HIS C 92 -7.22 -12.47 21.70
N SER C 93 -7.44 -12.10 20.44
CA SER C 93 -7.47 -13.09 19.38
C SER C 93 -6.15 -13.83 19.29
N THR C 94 -5.04 -13.09 19.37
CA THR C 94 -3.71 -13.59 19.61
C THR C 94 -3.05 -12.64 20.61
N VAL C 95 -2.29 -13.22 21.53
CA VAL C 95 -1.42 -12.48 22.41
C VAL C 95 -0.05 -12.46 21.76
N LYS C 96 0.53 -11.27 21.60
CA LYS C 96 1.86 -11.09 21.03
C LYS C 96 2.89 -11.22 22.14
N THR C 97 3.57 -12.35 22.19
CA THR C 97 4.52 -12.73 23.22
C THR C 97 5.92 -12.64 22.64
N PRO C 98 6.97 -12.56 23.44
CA PRO C 98 8.30 -12.49 22.83
C PRO C 98 8.59 -13.70 21.95
N LYS C 99 7.93 -14.83 22.21
CA LYS C 99 8.17 -16.05 21.46
C LYS C 99 7.33 -16.16 20.19
N GLY C 100 6.41 -15.23 19.95
CA GLY C 100 5.56 -15.22 18.79
C GLY C 100 4.12 -15.05 19.17
N TYR C 101 3.26 -15.09 18.17
CA TYR C 101 1.84 -14.92 18.42
C TYR C 101 1.21 -16.19 18.97
N LEU C 102 0.47 -16.05 20.07
CA LEU C 102 -0.19 -17.13 20.75
C LEU C 102 -1.69 -16.96 20.61
N ALA C 103 -2.35 -17.98 20.06
CA ALA C 103 -3.79 -17.93 19.88
C ALA C 103 -4.51 -17.83 21.22
N GLY C 104 -5.42 -16.86 21.32
CA GLY C 104 -6.13 -16.66 22.57
C GLY C 104 -7.20 -17.70 22.86
N LEU C 105 -7.69 -18.36 21.81
CA LEU C 105 -8.71 -19.41 21.90
C LEU C 105 -8.30 -20.59 21.02
N PRO C 106 -7.37 -21.41 21.49
CA PRO C 106 -7.08 -22.67 20.80
C PRO C 106 -8.33 -23.56 20.71
N ILE C 107 -8.23 -24.58 19.85
CA ILE C 107 -9.40 -25.37 19.53
C ILE C 107 -10.03 -25.98 20.79
N TRP C 108 -9.23 -26.39 21.77
CA TRP C 108 -9.81 -27.07 22.93
C TRP C 108 -10.66 -26.15 23.78
N VAL C 109 -10.36 -24.86 23.71
CA VAL C 109 -11.21 -23.84 24.35
C VAL C 109 -12.47 -23.62 23.52
N LEU C 110 -12.34 -23.54 22.21
CA LEU C 110 -13.48 -23.31 21.33
C LEU C 110 -14.51 -24.43 21.45
N GLU C 111 -14.04 -25.68 21.65
CA GLU C 111 -14.93 -26.84 21.72
C GLU C 111 -15.87 -26.75 22.90
N GLU C 112 -15.47 -26.06 23.97
CA GLU C 112 -16.27 -25.80 25.15
C GLU C 112 -16.98 -24.45 25.15
N LEU C 113 -16.37 -23.43 24.54
CA LEU C 113 -16.92 -22.07 24.60
C LEU C 113 -18.15 -21.92 23.71
N ASN C 114 -18.12 -22.51 22.53
CA ASN C 114 -19.22 -22.42 21.57
C ASN C 114 -19.64 -20.97 21.35
N PRO C 115 -18.75 -20.12 20.83
CA PRO C 115 -19.10 -18.70 20.65
C PRO C 115 -20.09 -18.48 19.52
N ASP C 116 -20.90 -17.44 19.68
CA ASP C 116 -21.79 -17.06 18.57
C ASP C 116 -21.22 -15.94 17.70
N ILE C 117 -20.41 -15.04 18.26
CA ILE C 117 -19.88 -13.91 17.51
C ILE C 117 -18.44 -13.63 17.94
N ILE C 118 -17.55 -13.44 16.95
CA ILE C 118 -16.23 -12.92 17.17
C ILE C 118 -16.23 -11.48 16.64
N VAL C 119 -15.97 -10.50 17.51
CA VAL C 119 -15.80 -9.11 17.09
C VAL C 119 -14.32 -8.79 17.09
N ILE C 120 -13.83 -8.24 15.98
CA ILE C 120 -12.48 -7.70 15.87
C ILE C 120 -12.61 -6.18 15.82
N VAL C 121 -12.07 -5.50 16.81
CA VAL C 121 -12.04 -4.05 16.88
C VAL C 121 -10.67 -3.61 16.37
N GLU C 122 -10.66 -2.73 15.37
CA GLU C 122 -9.48 -2.27 14.66
C GLU C 122 -9.51 -0.75 14.55
N THR C 123 -8.33 -0.16 14.38
CA THR C 123 -8.17 1.17 13.81
C THR C 123 -6.75 1.24 13.25
N SER C 124 -6.38 2.41 12.73
CA SER C 124 -5.06 2.59 12.13
C SER C 124 -4.00 2.38 13.18
N SER C 125 -2.88 1.80 12.77
CA SER C 125 -1.77 1.65 13.71
C SER C 125 -1.32 2.97 14.31
N ASP C 126 -1.45 4.09 13.57
CA ASP C 126 -1.12 5.42 14.07
C ASP C 126 -1.90 5.79 15.32
N GLU C 127 -3.22 5.69 15.26
CA GLU C 127 -4.06 6.00 16.41
C GLU C 127 -3.75 5.06 17.56
N ILE C 128 -3.50 3.78 17.27
CA ILE C 128 -3.19 2.84 18.33
C ILE C 128 -1.88 3.23 19.01
N LEU C 129 -0.88 3.63 18.23
CA LEU C 129 0.39 3.98 18.86
C LEU C 129 0.25 5.29 19.63
N MET C 130 -0.57 6.20 19.11
CA MET C 130 -0.75 7.49 19.78
C MET C 130 -1.57 7.32 21.06
N ARG C 131 -2.59 6.47 21.05
CA ARG C 131 -3.27 6.14 22.30
C ARG C 131 -2.32 5.52 23.31
N ARG C 132 -1.47 4.58 22.87
CA ARG C 132 -0.55 3.90 23.78
C ARG C 132 0.46 4.84 24.40
N LEU C 133 1.02 5.75 23.60
CA LEU C 133 2.02 6.66 24.14
C LEU C 133 1.45 7.54 25.23
N GLY C 134 0.15 7.83 25.17
CA GLY C 134 -0.46 8.69 26.18
C GLY C 134 -0.48 8.02 27.54
N ASP C 135 -0.89 6.76 27.55
CA ASP C 135 -0.84 5.89 28.70
C ASP C 135 0.57 5.79 29.29
N ALA C 136 0.80 6.45 30.44
CA ALA C 136 2.01 6.32 31.26
C ALA C 136 2.14 4.95 31.91
N THR C 137 1.19 4.07 31.59
CA THR C 137 1.10 2.66 31.97
C THR C 137 1.55 1.77 30.83
N ARG C 138 2.40 2.35 29.98
CA ARG C 138 3.13 1.66 28.93
C ARG C 138 4.60 2.01 29.13
N ASN C 139 5.38 1.03 29.58
CA ASN C 139 6.79 1.01 29.22
C ASN C 139 7.11 -0.18 28.31
N ARG C 140 6.14 -1.10 28.11
CA ARG C 140 6.21 -2.25 27.19
C ARG C 140 5.31 -2.08 25.96
N ASP C 141 5.51 -1.02 25.16
CA ASP C 141 4.71 -0.81 23.93
C ASP C 141 5.37 0.30 23.07
N GLU C 143 7.34 -0.22 20.84
CA GLU C 143 7.05 -0.88 19.57
C GLU C 143 6.27 -0.06 18.55
N LEU C 144 6.57 -0.35 17.28
CA LEU C 144 6.30 0.45 16.10
C LEU C 144 4.97 0.11 15.45
N THR C 145 4.60 0.91 14.43
CA THR C 145 3.33 0.76 13.73
C THR C 145 3.32 -0.44 12.78
N SER C 146 4.47 -0.79 12.20
CA SER C 146 4.51 -1.98 11.34
C SER C 146 4.29 -3.26 12.16
N ASP C 147 4.81 -3.30 13.39
CA ASP C 147 4.54 -4.42 14.28
C ASP C 147 3.07 -4.41 14.69
N ILE C 148 2.48 -3.22 14.86
CA ILE C 148 1.04 -3.16 15.21
C ILE C 148 0.19 -3.64 14.04
N ASP C 149 0.60 -3.30 12.82
CA ASP C 149 -0.15 -3.75 11.66
C ASP C 149 -0.06 -5.28 11.54
N GLU C 150 1.12 -5.84 11.80
CA GLU C 150 1.32 -7.28 11.76
C GLU C 150 0.39 -8.00 12.74
N HIS C 151 0.23 -7.44 13.93
CA HIS C 151 -0.61 -8.08 14.94
C HIS C 151 -2.07 -8.05 14.55
N GLN C 152 -2.54 -6.95 13.94
CA GLN C 152 -3.93 -6.88 13.48
C GLN C 152 -4.19 -7.83 12.29
N PHE C 153 -3.14 -8.12 11.51
CA PHE C 153 -3.16 -9.15 10.47
C PHE C 153 -3.32 -10.54 11.07
N MET C 154 -2.42 -10.91 12.01
CA MET C 154 -2.49 -12.26 12.52
C MET C 154 -3.80 -12.49 13.26
N ASN C 155 -4.30 -11.45 13.95
CA ASN C 155 -5.57 -11.54 14.66
C ASN C 155 -6.74 -11.82 13.74
N ARG C 156 -6.71 -11.23 12.54
CA ARG C 156 -7.75 -11.52 11.56
C ARG C 156 -7.70 -12.98 11.12
N CYS C 157 -6.48 -13.49 10.82
CA CYS C 157 -6.34 -14.87 10.41
C CYS C 157 -6.78 -15.83 11.53
N ALA C 158 -6.48 -15.49 12.79
CA ALA C 158 -6.88 -16.32 13.92
C ALA C 158 -8.38 -16.27 14.15
N ALA C 159 -9.00 -15.06 14.03
CA ALA C 159 -10.45 -14.93 14.24
C ALA C 159 -11.27 -15.67 13.17
N MET C 160 -10.88 -15.56 11.90
CA MET C 160 -11.57 -16.33 10.86
C MET C 160 -11.41 -17.85 11.05
N ALA C 161 -10.26 -18.32 11.60
CA ALA C 161 -10.11 -19.73 11.90
C ALA C 161 -11.09 -20.17 12.98
N TYR C 162 -11.26 -19.35 14.03
CA TYR C 162 -12.29 -19.58 15.02
C TYR C 162 -13.66 -19.68 14.38
N GLY C 163 -13.94 -18.79 13.43
CA GLY C 163 -15.19 -18.87 12.70
C GLY C 163 -15.31 -20.15 11.90
N VAL C 164 -14.23 -20.58 11.25
CA VAL C 164 -14.32 -21.82 10.48
C VAL C 164 -14.58 -23.04 11.40
N LEU C 165 -13.93 -23.08 12.56
CA LEU C 165 -14.05 -24.20 13.47
C LEU C 165 -15.31 -24.18 14.34
N THR C 166 -15.96 -23.01 14.52
CA THR C 166 -17.13 -22.90 15.38
C THR C 166 -18.42 -22.53 14.65
N GLY C 167 -18.36 -21.89 13.49
CA GLY C 167 -19.56 -21.31 12.89
C GLY C 167 -19.91 -19.91 13.37
N ALA C 168 -19.11 -19.30 14.23
CA ALA C 168 -19.35 -17.93 14.64
C ALA C 168 -19.11 -16.96 13.48
N THR C 169 -20.02 -15.99 13.31
CA THR C 169 -19.71 -14.90 12.41
C THR C 169 -18.60 -14.05 13.01
N VAL C 170 -17.79 -13.46 12.15
CA VAL C 170 -16.63 -12.69 12.55
C VAL C 170 -16.90 -11.25 12.09
N LYS C 171 -17.02 -10.33 13.05
CA LYS C 171 -17.44 -8.95 12.77
C LYS C 171 -16.29 -7.99 13.04
N ILE C 172 -15.98 -7.14 12.07
CA ILE C 172 -14.92 -6.15 12.19
C ILE C 172 -15.54 -4.79 12.44
N ILE C 173 -15.18 -4.20 13.56
CA ILE C 173 -15.63 -2.85 13.92
C ILE C 173 -14.44 -1.90 13.96
N LYS C 174 -14.64 -0.73 13.36
CA LYS C 174 -13.60 0.29 13.35
C LYS C 174 -13.88 1.22 14.54
N ASN C 175 -12.86 1.41 15.37
CA ASN C 175 -12.94 2.25 16.55
C ASN C 175 -11.99 3.43 16.37
N ARG C 176 -12.46 4.45 15.64
CA ARG C 176 -11.63 5.57 15.23
C ARG C 176 -11.76 6.78 16.15
N ASP C 177 -10.64 7.48 16.36
CA ASP C 177 -10.65 8.75 17.05
C ASP C 177 -11.72 9.67 16.45
N GLY C 178 -12.44 10.37 17.33
CA GLY C 178 -13.52 11.26 16.94
C GLY C 178 -14.79 10.57 16.51
N LEU C 179 -14.80 9.24 16.49
CA LEU C 179 -15.89 8.44 15.96
C LEU C 179 -16.15 7.24 16.86
N LEU C 180 -15.88 7.38 18.15
CA LEU C 180 -16.10 6.28 19.08
C LEU C 180 -17.59 5.96 19.18
N ASP C 181 -18.43 6.99 19.22
CA ASP C 181 -19.87 6.82 19.37
C ASP C 181 -20.47 6.03 18.22
N LYS C 182 -19.90 6.13 17.02
CA LYS C 182 -20.42 5.33 15.91
C LYS C 182 -20.09 3.86 16.07
N ALA C 183 -18.92 3.55 16.66
CA ALA C 183 -18.56 2.15 16.85
C ALA C 183 -19.42 1.50 17.92
N VAL C 184 -19.69 2.21 19.01
CA VAL C 184 -20.60 1.67 20.00
C VAL C 184 -21.90 1.28 19.32
N GLU C 185 -22.51 2.28 18.67
CA GLU C 185 -23.81 2.08 18.05
C GLU C 185 -23.77 0.94 17.04
N GLU C 186 -22.69 0.78 16.31
CA GLU C 186 -22.66 -0.37 15.42
C GLU C 186 -22.63 -1.70 16.19
N LEU C 187 -21.99 -1.75 17.37
CA LEU C 187 -21.95 -3.00 18.11
C LEU C 187 -23.32 -3.35 18.70
N ILE C 188 -23.96 -2.34 19.34
CA ILE C 188 -25.34 -2.42 19.82
C ILE C 188 -26.24 -2.99 18.73
N SER C 189 -26.05 -2.50 17.51
CA SER C 189 -26.78 -3.01 16.37
C SER C 189 -26.43 -4.48 16.14
N VAL C 190 -25.15 -4.84 16.22
CA VAL C 190 -24.74 -6.22 15.99
C VAL C 190 -25.49 -7.15 16.96
N LEU C 191 -25.61 -6.75 18.23
CA LEU C 191 -26.23 -7.61 19.25
C LEU C 191 -27.76 -7.58 19.25
N LYS C 192 -28.40 -6.53 18.75
CA LYS C 192 -29.85 -6.54 18.61
C LYS C 192 -30.35 -7.57 17.58
N LYS D 2 -0.93 25.86 -35.18
CA LYS D 2 -2.04 24.96 -35.34
C LYS D 2 -1.67 23.53 -34.98
N ASN D 3 -0.50 23.10 -35.52
CA ASN D 3 0.01 21.74 -35.30
C ASN D 3 0.40 21.53 -33.84
N LYS D 4 0.06 20.36 -33.31
CA LYS D 4 0.32 20.04 -31.92
C LYS D 4 1.65 19.32 -31.82
N VAL D 5 2.34 19.56 -30.72
CA VAL D 5 3.58 18.88 -30.34
C VAL D 5 3.35 18.11 -29.04
N VAL D 6 3.57 16.80 -29.08
CA VAL D 6 3.19 15.88 -28.02
C VAL D 6 4.44 15.18 -27.53
N VAL D 7 4.59 15.11 -26.21
CA VAL D 7 5.70 14.41 -25.55
C VAL D 7 5.18 13.12 -24.94
N VAL D 8 5.85 12.01 -25.29
CA VAL D 8 5.53 10.67 -24.80
C VAL D 8 6.69 10.17 -23.97
N THR D 9 6.41 9.77 -22.73
CA THR D 9 7.40 9.41 -21.75
C THR D 9 7.04 8.06 -21.13
N GLY D 10 8.02 7.44 -20.52
CA GLY D 10 7.82 6.19 -19.84
C GLY D 10 9.17 5.59 -19.47
N VAL D 11 9.21 4.82 -18.39
CA VAL D 11 10.48 4.21 -17.97
C VAL D 11 10.87 3.11 -18.95
N PRO D 12 12.15 2.76 -19.03
CA PRO D 12 12.55 1.67 -19.91
C PRO D 12 11.71 0.41 -19.66
N GLY D 13 11.28 -0.22 -20.75
CA GLY D 13 10.55 -1.43 -20.61
C GLY D 13 9.05 -1.28 -20.50
N VAL D 14 8.53 -0.07 -20.48
CA VAL D 14 7.09 0.13 -20.38
C VAL D 14 6.37 0.02 -21.72
N GLY D 15 7.10 0.06 -22.82
CA GLY D 15 6.51 -0.13 -24.14
C GLY D 15 5.85 1.07 -24.78
N GLY D 16 6.21 2.29 -24.38
CA GLY D 16 5.59 3.46 -24.99
C GLY D 16 6.03 3.74 -26.41
N THR D 17 7.22 3.31 -26.80
CA THR D 17 7.69 3.57 -28.17
C THR D 17 6.87 2.78 -29.19
N THR D 18 6.68 1.48 -28.92
CA THR D 18 5.82 0.67 -29.77
C THR D 18 4.38 1.15 -29.73
N LEU D 19 3.93 1.61 -28.57
CA LEU D 19 2.58 2.14 -28.51
C LEU D 19 2.44 3.30 -29.51
N THR D 20 3.40 4.21 -29.54
CA THR D 20 3.29 5.38 -30.42
C THR D 20 3.34 4.99 -31.89
N GLN D 21 4.19 4.04 -32.28
CA GLN D 21 4.24 3.62 -33.67
C GLN D 21 2.92 3.02 -34.15
N LYS D 22 2.28 2.20 -33.33
CA LYS D 22 0.98 1.65 -33.71
C LYS D 22 -0.08 2.74 -33.83
N THR D 23 -0.11 3.68 -32.89
CA THR D 23 -1.07 4.78 -32.92
C THR D 23 -0.87 5.65 -34.14
N ILE D 24 0.38 6.02 -34.43
CA ILE D 24 0.66 6.79 -35.64
C ILE D 24 0.15 6.09 -36.89
N GLU D 25 0.24 4.77 -36.97
CA GLU D 25 -0.28 4.13 -38.16
C GLU D 25 -1.81 4.19 -38.21
N LYS D 26 -2.45 4.06 -37.05
CA LYS D 26 -3.91 4.07 -37.01
C LYS D 26 -4.46 5.47 -37.21
N LEU D 27 -3.75 6.50 -36.75
CA LEU D 27 -4.20 7.86 -37.03
C LEU D 27 -4.09 8.15 -38.51
N LYS D 28 -3.06 7.59 -39.17
CA LYS D 28 -2.93 7.83 -40.59
C LYS D 28 -4.03 7.15 -41.40
N GLU D 29 -4.58 6.01 -40.92
CA GLU D 29 -5.74 5.42 -41.59
C GLU D 29 -6.88 6.43 -41.72
N GLU D 30 -7.08 7.27 -40.70
CA GLU D 30 -8.12 8.30 -40.73
C GLU D 30 -7.64 9.62 -41.34
N GLY D 31 -6.38 9.72 -41.73
CA GLY D 31 -5.85 10.94 -42.29
C GLY D 31 -5.20 11.92 -41.34
N ILE D 32 -4.63 11.46 -40.22
CA ILE D 32 -3.94 12.35 -39.30
C ILE D 32 -2.45 12.00 -39.33
N GLU D 33 -1.65 12.90 -39.88
CA GLU D 33 -0.22 12.66 -40.08
C GLU D 33 0.52 13.10 -38.82
N TYR D 34 1.22 12.16 -38.19
CA TYR D 34 2.16 12.46 -37.12
C TYR D 34 3.53 11.92 -37.50
N LYS D 35 4.58 12.77 -37.37
CA LYS D 35 5.96 12.33 -37.48
C LYS D 35 6.49 12.04 -36.08
N MET D 36 7.12 10.88 -35.89
CA MET D 36 7.68 10.49 -34.60
C MET D 36 9.17 10.83 -34.61
N VAL D 37 9.64 11.48 -33.56
CA VAL D 37 11.07 11.78 -33.40
C VAL D 37 11.50 11.44 -31.97
N ASN D 38 12.78 11.16 -31.84
CA ASN D 38 13.44 10.89 -30.56
C ASN D 38 14.23 12.12 -30.14
N PHE D 39 13.97 12.64 -28.92
CA PHE D 39 14.64 13.89 -28.55
C PHE D 39 16.16 13.70 -28.50
N GLY D 40 16.61 12.50 -28.14
CA GLY D 40 18.04 12.27 -28.06
C GLY D 40 18.74 12.10 -29.39
N THR D 41 18.09 11.51 -30.39
CA THR D 41 18.73 11.41 -31.69
C THR D 41 18.62 12.72 -32.45
N VAL D 42 17.65 13.56 -32.10
CA VAL D 42 17.60 14.92 -32.62
C VAL D 42 18.78 15.75 -32.10
N MET D 43 19.15 15.60 -30.82
CA MET D 43 20.36 16.26 -30.35
C MET D 43 21.59 15.71 -31.08
N PHE D 44 21.68 14.38 -31.23
CA PHE D 44 22.82 13.80 -31.91
C PHE D 44 22.95 14.33 -33.33
N GLU D 45 21.83 14.39 -34.07
CA GLU D 45 21.90 14.94 -35.42
C GLU D 45 22.36 16.39 -35.39
N VAL D 46 21.88 17.16 -34.41
CA VAL D 46 22.28 18.56 -34.25
C VAL D 46 23.77 18.67 -33.95
N ALA D 47 24.29 17.80 -33.08
CA ALA D 47 25.70 17.91 -32.73
C ALA D 47 26.54 17.51 -33.92
N LYS D 48 25.99 16.67 -34.78
CA LYS D 48 26.67 16.34 -36.02
C LYS D 48 26.68 17.53 -36.97
N GLU D 49 25.64 18.36 -36.98
CA GLU D 49 25.64 19.51 -37.87
C GLU D 49 26.87 20.36 -37.60
N GLU D 50 27.16 20.56 -36.32
CA GLU D 50 28.18 21.51 -35.88
C GLU D 50 29.54 20.85 -35.74
N GLY D 51 29.70 19.64 -36.26
CA GLY D 51 31.00 19.00 -36.24
C GLY D 51 31.46 18.61 -34.86
N LEU D 52 30.55 18.64 -33.91
CA LEU D 52 30.91 18.38 -32.53
C LEU D 52 31.11 16.87 -32.32
N VAL D 53 30.52 16.01 -33.18
CA VAL D 53 30.66 14.55 -33.02
C VAL D 53 30.83 13.86 -34.38
N GLU D 54 31.04 12.54 -34.30
CA GLU D 54 30.72 11.59 -35.36
C GLU D 54 29.80 10.47 -34.85
N ASP D 55 29.68 10.28 -33.54
CA ASP D 55 29.01 9.18 -32.87
C ASP D 55 28.14 9.69 -31.73
N ARG D 56 27.01 9.00 -31.46
CA ARG D 56 26.09 9.39 -30.37
C ARG D 56 26.62 9.00 -28.98
N ASP D 57 27.68 8.21 -28.89
CA ASP D 57 28.31 8.04 -27.59
C ASP D 57 29.27 9.19 -27.28
N GLN D 58 29.84 9.79 -28.32
CA GLN D 58 30.66 10.98 -28.16
C GLN D 58 29.86 12.19 -27.66
N MET D 59 28.54 12.16 -27.72
CA MET D 59 27.80 13.36 -27.32
C MET D 59 27.85 13.57 -25.82
N ARG D 60 27.67 12.51 -25.06
CA ARG D 60 27.55 12.61 -23.61
C ARG D 60 28.94 12.71 -23.02
N LYS D 61 29.84 13.28 -23.81
CA LYS D 61 31.15 13.69 -23.33
C LYS D 61 31.42 15.12 -23.81
N LEU D 62 30.34 15.88 -24.04
CA LEU D 62 30.40 17.30 -24.39
C LEU D 62 30.36 18.15 -23.12
N ASP D 63 31.00 19.31 -23.16
CA ASP D 63 30.98 20.23 -22.04
C ASP D 63 29.55 20.76 -21.85
N PRO D 64 29.14 20.99 -20.58
CA PRO D 64 27.69 21.10 -20.30
C PRO D 64 27.00 22.33 -20.85
N ASP D 65 27.73 23.41 -21.10
CA ASP D 65 27.14 24.57 -21.75
C ASP D 65 26.92 24.32 -23.24
N THR D 66 27.90 23.72 -23.92
CA THR D 66 27.61 23.47 -25.33
C THR D 66 26.50 22.42 -25.46
N GLN D 67 26.28 21.59 -24.44
CA GLN D 67 25.18 20.66 -24.53
C GLN D 67 23.84 21.24 -24.07
N LYS D 68 23.83 22.21 -23.16
CA LYS D 68 22.60 22.96 -22.90
C LYS D 68 22.24 23.80 -24.12
N ARG D 69 23.23 24.22 -24.90
CA ARG D 69 22.94 24.86 -26.17
C ARG D 69 22.34 23.86 -27.16
N ILE D 70 22.90 22.65 -27.22
CA ILE D 70 22.36 21.62 -28.10
C ILE D 70 20.94 21.25 -27.67
N GLN D 71 20.70 21.16 -26.36
CA GLN D 71 19.36 20.89 -25.85
C GLN D 71 18.36 21.90 -26.41
N LYS D 72 18.71 23.20 -26.35
CA LYS D 72 17.88 24.23 -26.95
C LYS D 72 17.76 24.09 -28.48
N LEU D 73 18.87 23.80 -29.16
CA LEU D 73 18.81 23.67 -30.61
C LEU D 73 17.94 22.49 -31.04
N ALA D 74 17.93 21.41 -30.25
CA ALA D 74 17.04 20.30 -30.56
C ALA D 74 15.58 20.68 -30.35
N GLY D 75 15.28 21.36 -29.24
CA GLY D 75 13.90 21.81 -29.04
C GLY D 75 13.42 22.77 -30.12
N ARG D 76 14.27 23.72 -30.50
CA ARG D 76 13.91 24.64 -31.56
C ARG D 76 13.74 23.91 -32.89
N LYS D 77 14.59 22.91 -33.19
CA LYS D 77 14.47 22.16 -34.45
C LYS D 77 13.17 21.36 -34.53
N ILE D 78 12.75 20.75 -33.44
CA ILE D 78 11.49 20.00 -33.41
C ILE D 78 10.32 20.95 -33.62
N ALA D 79 10.39 22.14 -33.06
CA ALA D 79 9.38 23.15 -33.33
C ALA D 79 9.35 23.57 -34.79
N GLU D 80 10.48 23.46 -35.48
CA GLU D 80 10.52 23.77 -36.91
C GLU D 80 9.81 22.68 -37.71
N MET D 81 9.96 21.42 -37.29
CA MET D 81 9.24 20.32 -37.93
C MET D 81 7.72 20.45 -37.75
N ALA D 82 7.28 21.06 -36.66
CA ALA D 82 5.85 21.17 -36.36
C ALA D 82 5.10 22.13 -37.26
N LYS D 83 5.77 23.01 -37.99
CA LYS D 83 5.09 23.74 -39.05
C LYS D 83 4.67 22.84 -40.20
N GLU D 84 5.31 21.69 -40.34
CA GLU D 84 5.01 20.82 -41.46
C GLU D 84 4.11 19.65 -41.11
N SER D 85 3.97 19.33 -39.83
CA SER D 85 3.13 18.23 -39.42
C SER D 85 2.99 18.33 -37.91
N ASN D 86 2.03 17.61 -37.37
CA ASN D 86 2.05 17.31 -35.93
C ASN D 86 3.27 16.47 -35.60
N VAL D 87 3.80 16.67 -34.40
CA VAL D 87 5.06 16.05 -34.03
C VAL D 87 4.87 15.29 -32.73
N ILE D 88 5.38 14.07 -32.68
CA ILE D 88 5.36 13.24 -31.48
C ILE D 88 6.82 12.98 -31.08
N VAL D 89 7.19 13.38 -29.84
CA VAL D 89 8.57 13.32 -29.38
C VAL D 89 8.72 12.23 -28.32
N ASP D 90 9.48 11.20 -28.66
CA ASP D 90 9.75 10.10 -27.74
C ASP D 90 10.91 10.54 -26.87
N THR D 91 10.65 10.75 -25.56
CA THR D 91 11.69 11.20 -24.66
C THR D 91 11.39 10.79 -23.21
N HIS D 92 12.39 10.98 -22.36
CA HIS D 92 12.31 10.65 -20.94
C HIS D 92 11.76 11.81 -20.13
N SER D 93 10.77 11.54 -19.30
CA SER D 93 10.38 12.55 -18.33
C SER D 93 11.52 12.82 -17.36
N THR D 94 12.13 11.75 -16.83
CA THR D 94 13.43 11.82 -16.16
C THR D 94 14.25 10.60 -16.57
N VAL D 95 15.56 10.80 -16.66
CA VAL D 95 16.56 9.74 -16.85
C VAL D 95 17.17 9.34 -15.51
N LYS D 96 17.17 8.05 -15.21
CA LYS D 96 17.79 7.52 -14.01
C LYS D 96 19.26 7.24 -14.30
N THR D 97 20.13 8.08 -13.78
CA THR D 97 21.56 8.03 -13.91
C THR D 97 22.14 7.69 -12.56
N PRO D 98 23.40 7.27 -12.50
CA PRO D 98 24.02 7.00 -11.19
C PRO D 98 24.01 8.21 -10.24
N LYS D 99 23.94 9.43 -10.78
CA LYS D 99 23.96 10.69 -10.04
C LYS D 99 22.57 11.11 -9.58
N GLY D 100 21.53 10.44 -10.02
CA GLY D 100 20.18 10.73 -9.64
C GLY D 100 19.31 10.89 -10.85
N TYR D 101 18.06 11.25 -10.59
CA TYR D 101 17.09 11.50 -11.66
C TYR D 101 17.38 12.86 -12.32
N LEU D 102 17.43 12.85 -13.65
CA LEU D 102 17.78 14.00 -14.46
C LEU D 102 16.55 14.37 -15.29
N ALA D 103 16.07 15.60 -15.13
CA ALA D 103 14.89 16.01 -15.88
C ALA D 103 15.19 16.02 -17.38
N GLY D 104 14.32 15.37 -18.13
CA GLY D 104 14.47 15.22 -19.56
C GLY D 104 14.10 16.44 -20.36
N LEU D 105 13.34 17.34 -19.76
CA LEU D 105 12.95 18.61 -20.39
C LEU D 105 13.19 19.71 -19.36
N PRO D 106 14.43 20.10 -19.15
CA PRO D 106 14.66 21.30 -18.34
C PRO D 106 13.96 22.52 -18.95
N ILE D 107 13.72 23.51 -18.09
CA ILE D 107 12.86 24.62 -18.47
C ILE D 107 13.30 25.26 -19.78
N TRP D 108 14.62 25.31 -20.08
CA TRP D 108 15.01 25.99 -21.31
C TRP D 108 14.59 25.22 -22.55
N VAL D 109 14.45 23.89 -22.46
CA VAL D 109 13.95 23.06 -23.55
C VAL D 109 12.45 23.25 -23.71
N LEU D 110 11.75 23.35 -22.57
CA LEU D 110 10.32 23.53 -22.58
C LEU D 110 9.92 24.82 -23.29
N GLU D 111 10.69 25.89 -23.09
CA GLU D 111 10.37 27.18 -23.69
C GLU D 111 10.48 27.16 -25.22
N GLU D 112 11.38 26.34 -25.78
CA GLU D 112 11.51 26.28 -27.22
C GLU D 112 10.51 25.30 -27.82
N LEU D 113 10.27 24.20 -27.12
CA LEU D 113 9.44 23.13 -27.68
C LEU D 113 7.95 23.44 -27.52
N ASN D 114 7.55 23.98 -26.37
CA ASN D 114 6.16 24.31 -26.03
C ASN D 114 5.14 23.23 -26.38
N PRO D 115 5.24 22.08 -25.72
CA PRO D 115 4.30 21.00 -25.97
C PRO D 115 2.89 21.36 -25.54
N ASP D 116 1.96 20.72 -26.22
CA ASP D 116 0.54 20.80 -25.95
C ASP D 116 0.04 19.66 -25.07
N ILE D 117 0.70 18.49 -25.13
CA ILE D 117 0.34 17.33 -24.31
C ILE D 117 1.63 16.66 -23.85
N ILE D 118 1.69 16.29 -22.57
CA ILE D 118 2.70 15.39 -22.01
C ILE D 118 1.98 14.06 -21.71
N VAL D 119 2.42 12.99 -22.36
CA VAL D 119 1.87 11.65 -22.12
C VAL D 119 2.84 10.82 -21.28
N ILE D 120 2.33 10.21 -20.21
CA ILE D 120 3.07 9.29 -19.35
C ILE D 120 2.54 7.89 -19.55
N VAL D 121 3.40 7.00 -20.01
CA VAL D 121 3.02 5.60 -20.22
C VAL D 121 3.48 4.86 -18.97
N GLU D 122 2.54 4.17 -18.32
CA GLU D 122 2.80 3.49 -17.06
C GLU D 122 2.28 2.07 -17.12
N THR D 123 2.87 1.21 -16.33
CA THR D 123 2.22 -0.05 -16.01
C THR D 123 2.80 -0.53 -14.71
N SER D 124 2.35 -1.71 -14.29
CA SER D 124 2.82 -2.27 -13.04
C SER D 124 4.33 -2.49 -13.07
N SER D 125 4.99 -2.22 -11.94
CA SER D 125 6.42 -2.48 -11.86
C SER D 125 6.76 -3.93 -12.18
N ASP D 126 5.86 -4.85 -11.79
CA ASP D 126 5.99 -6.28 -12.09
C ASP D 126 6.07 -6.55 -13.59
N GLU D 127 5.12 -6.00 -14.35
CA GLU D 127 5.12 -6.19 -15.80
C GLU D 127 6.37 -5.60 -16.44
N ILE D 128 6.83 -4.46 -15.93
CA ILE D 128 8.02 -3.83 -16.48
C ILE D 128 9.23 -4.73 -16.30
N LEU D 129 9.41 -5.23 -15.09
CA LEU D 129 10.63 -5.97 -14.78
C LEU D 129 10.67 -7.28 -15.55
N MET D 130 9.52 -7.90 -15.78
CA MET D 130 9.51 -9.16 -16.52
C MET D 130 9.81 -8.92 -17.99
N ARG D 131 9.29 -7.84 -18.56
CA ARG D 131 9.64 -7.48 -19.92
C ARG D 131 11.15 -7.28 -20.06
N ARG D 132 11.73 -6.55 -19.10
CA ARG D 132 13.16 -6.21 -19.14
C ARG D 132 14.00 -7.48 -19.11
N LEU D 133 13.61 -8.43 -18.28
CA LEU D 133 14.32 -9.69 -18.26
C LEU D 133 14.17 -10.42 -19.59
N GLY D 134 13.07 -10.17 -20.30
CA GLY D 134 12.87 -10.83 -21.58
C GLY D 134 13.81 -10.33 -22.65
N ASP D 135 14.00 -9.03 -22.73
CA ASP D 135 15.03 -8.42 -23.57
C ASP D 135 16.38 -9.04 -23.21
N ALA D 136 16.96 -9.90 -24.11
CA ALA D 136 18.33 -10.42 -23.92
C ALA D 136 19.45 -9.31 -24.00
N THR D 137 18.93 -8.08 -24.10
CA THR D 137 19.68 -6.83 -24.17
C THR D 137 19.52 -5.99 -22.88
N ARG D 138 19.27 -6.64 -21.75
CA ARG D 138 19.32 -5.96 -20.46
C ARG D 138 20.23 -6.76 -19.52
N ASN D 139 21.17 -6.06 -18.90
CA ASN D 139 21.78 -6.42 -17.61
C ASN D 139 21.87 -5.25 -16.68
N ARG D 140 21.92 -4.01 -17.21
CA ARG D 140 21.65 -2.74 -16.58
C ARG D 140 20.13 -2.56 -16.55
N ASP D 141 19.42 -3.62 -16.14
CA ASP D 141 17.99 -3.57 -15.83
C ASP D 141 17.71 -4.87 -15.10
N ILE D 142 18.72 -5.33 -14.35
CA ILE D 142 18.52 -6.27 -13.25
C ILE D 142 17.68 -5.62 -12.15
N GLU D 143 17.55 -4.28 -12.18
CA GLU D 143 16.94 -3.47 -11.14
C GLU D 143 15.60 -3.94 -10.62
N LEU D 144 15.27 -3.57 -9.39
CA LEU D 144 14.16 -4.13 -8.66
C LEU D 144 12.87 -3.36 -8.95
N THR D 145 11.75 -3.88 -8.41
CA THR D 145 10.44 -3.25 -8.62
C THR D 145 10.31 -1.99 -7.78
N SER D 146 10.95 -1.95 -6.62
CA SER D 146 10.94 -0.77 -5.77
C SER D 146 11.67 0.41 -6.43
N ASP D 147 12.80 0.13 -7.10
CA ASP D 147 13.49 1.15 -7.88
C ASP D 147 12.61 1.60 -9.07
N ILE D 148 11.84 0.68 -9.66
CA ILE D 148 10.96 1.02 -10.78
C ILE D 148 9.78 1.87 -10.32
N ASP D 149 9.23 1.59 -9.14
CA ASP D 149 8.11 2.41 -8.67
C ASP D 149 8.59 3.83 -8.36
N GLU D 150 9.79 3.94 -7.79
CA GLU D 150 10.39 5.24 -7.48
C GLU D 150 10.55 6.08 -8.75
N HIS D 151 10.98 5.44 -9.84
CA HIS D 151 11.17 6.14 -11.09
C HIS D 151 9.84 6.60 -11.67
N GLN D 152 8.80 5.77 -11.57
CA GLN D 152 7.48 6.18 -12.04
C GLN D 152 6.92 7.29 -11.14
N PHE D 153 7.26 7.30 -9.86
CA PHE D 153 6.89 8.41 -8.98
C PHE D 153 7.52 9.72 -9.46
N MET D 154 8.88 9.73 -9.59
CA MET D 154 9.61 10.96 -9.92
C MET D 154 9.24 11.45 -11.31
N ASN D 155 8.97 10.52 -12.23
CA ASN D 155 8.50 10.90 -13.56
C ASN D 155 7.19 11.68 -13.50
N ARG D 156 6.30 11.33 -12.57
CA ARG D 156 5.05 12.08 -12.43
C ARG D 156 5.28 13.48 -11.93
N CYS D 157 6.16 13.65 -10.93
CA CYS D 157 6.42 14.98 -10.39
C CYS D 157 7.03 15.88 -11.48
N ALA D 158 7.93 15.32 -12.30
CA ALA D 158 8.61 16.11 -13.33
C ALA D 158 7.62 16.53 -14.40
N ALA D 159 6.76 15.60 -14.84
CA ALA D 159 5.79 15.98 -15.86
C ALA D 159 4.78 17.00 -15.33
N MET D 160 4.30 16.82 -14.10
CA MET D 160 3.36 17.81 -13.59
C MET D 160 4.01 19.20 -13.54
N ALA D 161 5.29 19.28 -13.17
CA ALA D 161 5.97 20.57 -13.18
C ALA D 161 6.12 21.10 -14.60
N TYR D 162 6.36 20.23 -15.58
CA TYR D 162 6.31 20.65 -16.97
C TYR D 162 4.97 21.29 -17.34
N GLY D 163 3.87 20.70 -16.86
CA GLY D 163 2.56 21.25 -17.11
C GLY D 163 2.36 22.59 -16.46
N VAL D 164 2.83 22.76 -15.21
CA VAL D 164 2.69 24.06 -14.55
C VAL D 164 3.42 25.13 -15.38
N LEU D 165 4.57 24.76 -15.96
CA LEU D 165 5.40 25.75 -16.67
C LEU D 165 4.91 26.06 -18.08
N THR D 166 4.26 25.13 -18.76
CA THR D 166 3.94 25.31 -20.17
C THR D 166 2.45 25.42 -20.46
N GLY D 167 1.61 24.92 -19.58
CA GLY D 167 0.21 24.79 -19.86
C GLY D 167 -0.14 23.54 -20.59
N ALA D 168 0.79 22.64 -20.79
CA ALA D 168 0.45 21.36 -21.39
C ALA D 168 -0.37 20.49 -20.43
N THR D 169 -1.38 19.80 -20.99
CA THR D 169 -2.07 18.75 -20.24
C THR D 169 -1.19 17.51 -20.11
N VAL D 170 -1.32 16.86 -18.96
CA VAL D 170 -0.51 15.70 -18.61
C VAL D 170 -1.43 14.49 -18.51
N LYS D 171 -1.21 13.51 -19.40
CA LYS D 171 -2.08 12.35 -19.56
C LYS D 171 -1.35 11.08 -19.12
N ILE D 172 -1.98 10.31 -18.26
CA ILE D 172 -1.45 9.02 -17.82
C ILE D 172 -2.22 7.91 -18.52
N ILE D 173 -1.51 7.12 -19.32
CA ILE D 173 -2.09 6.00 -20.04
C ILE D 173 -1.40 4.73 -19.54
N LYS D 174 -2.17 3.68 -19.32
CA LYS D 174 -1.65 2.42 -18.84
C LYS D 174 -1.44 1.46 -20.01
N ASN D 175 -0.26 0.85 -20.09
CA ASN D 175 0.09 -0.10 -21.14
C ASN D 175 0.27 -1.48 -20.50
N ARG D 176 -0.86 -2.19 -20.31
CA ARG D 176 -0.88 -3.41 -19.51
C ARG D 176 -0.65 -4.61 -20.43
N ASP D 177 0.05 -5.64 -19.95
CA ASP D 177 0.16 -6.87 -20.71
C ASP D 177 -1.22 -7.43 -21.04
N GLY D 178 -1.39 -7.89 -22.28
CA GLY D 178 -2.65 -8.40 -22.73
C GLY D 178 -3.69 -7.38 -23.11
N LEU D 179 -3.37 -6.10 -22.99
CA LEU D 179 -4.29 -5.00 -23.22
C LEU D 179 -3.57 -3.84 -23.92
N LEU D 180 -2.53 -4.16 -24.71
CA LEU D 180 -1.81 -3.10 -25.41
C LEU D 180 -2.76 -2.40 -26.37
N ASP D 181 -3.69 -3.19 -26.95
CA ASP D 181 -4.71 -2.67 -27.84
C ASP D 181 -5.56 -1.61 -27.19
N LYS D 182 -5.75 -1.70 -25.87
CA LYS D 182 -6.49 -0.67 -25.14
C LYS D 182 -5.69 0.62 -25.05
N ALA D 183 -4.37 0.50 -24.91
CA ALA D 183 -3.54 1.69 -24.83
C ALA D 183 -3.52 2.44 -26.16
N VAL D 184 -3.41 1.71 -27.28
CA VAL D 184 -3.52 2.33 -28.60
C VAL D 184 -4.85 3.07 -28.70
N GLU D 185 -5.95 2.39 -28.33
CA GLU D 185 -7.28 3.02 -28.42
C GLU D 185 -7.30 4.34 -27.63
N GLU D 186 -6.76 4.36 -26.40
CA GLU D 186 -6.82 5.58 -25.56
C GLU D 186 -5.92 6.70 -26.13
N LEU D 187 -4.76 6.36 -26.72
CA LEU D 187 -3.85 7.38 -27.22
C LEU D 187 -4.38 8.02 -28.50
N ILE D 188 -4.85 7.19 -29.45
CA ILE D 188 -5.59 7.68 -30.60
C ILE D 188 -6.67 8.63 -30.18
N SER D 189 -7.37 8.28 -29.10
CA SER D 189 -8.47 9.12 -28.63
C SER D 189 -7.96 10.51 -28.25
N VAL D 190 -6.87 10.55 -27.48
CA VAL D 190 -6.35 11.84 -27.02
C VAL D 190 -5.89 12.68 -28.19
N LEU D 191 -4.90 12.18 -28.93
CA LEU D 191 -4.28 12.90 -30.02
C LEU D 191 -5.17 13.40 -31.14
N LYS D 192 -6.47 13.31 -30.97
CA LYS D 192 -7.37 13.79 -31.99
C LYS D 192 -7.94 15.12 -31.54
N LYS E 2 33.18 25.40 -11.85
CA LYS E 2 33.67 24.03 -11.78
C LYS E 2 33.40 23.23 -10.53
N ASN E 3 33.68 23.83 -9.38
CA ASN E 3 33.42 23.18 -8.09
C ASN E 3 31.95 22.82 -8.00
N LYS E 4 31.64 21.70 -7.34
CA LYS E 4 30.25 21.26 -7.24
C LYS E 4 29.54 21.84 -6.01
N VAL E 5 28.25 22.10 -6.18
CA VAL E 5 27.34 22.50 -5.12
C VAL E 5 26.34 21.37 -4.97
N VAL E 6 26.32 20.75 -3.80
CA VAL E 6 25.45 19.60 -3.51
C VAL E 6 24.56 20.02 -2.35
N VAL E 7 23.25 19.82 -2.50
CA VAL E 7 22.26 20.03 -1.43
C VAL E 7 21.82 18.66 -0.92
N VAL E 8 21.87 18.47 0.39
CA VAL E 8 21.46 17.26 1.10
C VAL E 8 20.20 17.57 1.90
N THR E 9 19.17 16.78 1.69
CA THR E 9 17.87 17.07 2.26
C THR E 9 17.37 15.83 3.00
N GLY E 10 16.46 16.07 3.94
CA GLY E 10 15.83 14.99 4.66
C GLY E 10 15.04 15.49 5.84
N VAL E 11 14.01 14.76 6.25
CA VAL E 11 13.16 15.19 7.36
C VAL E 11 13.87 15.07 8.71
N PRO E 12 13.44 15.82 9.72
CA PRO E 12 14.06 15.68 11.03
C PRO E 12 14.06 14.22 11.48
N GLY E 13 15.22 13.77 11.96
CA GLY E 13 15.39 12.44 12.46
C GLY E 13 15.82 11.42 11.45
N VAL E 14 15.93 11.79 10.18
CA VAL E 14 16.34 10.85 9.13
C VAL E 14 17.84 10.66 9.13
N GLY E 15 18.58 11.48 9.89
CA GLY E 15 20.02 11.27 10.01
C GLY E 15 20.86 11.84 8.88
N GLY E 16 20.34 12.81 8.13
CA GLY E 16 21.08 13.30 6.98
C GLY E 16 22.28 14.13 7.35
N THR E 17 22.27 14.76 8.51
CA THR E 17 23.43 15.55 8.89
C THR E 17 24.62 14.66 9.18
N THR E 18 24.38 13.62 9.97
CA THR E 18 25.44 12.68 10.31
C THR E 18 25.91 11.85 9.10
N LEU E 19 25.01 11.53 8.16
CA LEU E 19 25.41 10.85 6.93
C LEU E 19 26.40 11.72 6.16
N THR E 20 26.11 13.01 6.06
CA THR E 20 26.97 13.91 5.31
C THR E 20 28.34 14.04 5.95
N GLN E 21 28.38 14.22 7.28
CA GLN E 21 29.65 14.40 7.97
C GLN E 21 30.54 13.18 7.83
N LYS E 22 29.96 11.98 7.94
CA LYS E 22 30.77 10.77 7.78
C LYS E 22 31.36 10.71 6.38
N THR E 23 30.53 10.99 5.40
CA THR E 23 30.94 10.94 4.01
C THR E 23 32.06 11.96 3.75
N ILE E 24 31.84 13.20 4.18
CA ILE E 24 32.87 14.22 4.02
C ILE E 24 34.19 13.83 4.68
N GLU E 25 34.15 13.12 5.83
CA GLU E 25 35.42 12.66 6.39
C GLU E 25 36.04 11.57 5.51
N LYS E 26 35.22 10.65 4.99
CA LYS E 26 35.77 9.54 4.21
C LYS E 26 36.22 9.99 2.82
N LEU E 27 35.59 11.01 2.26
CA LEU E 27 36.03 11.61 1.00
C LEU E 27 37.38 12.28 1.13
N LYS E 28 37.70 12.85 2.30
CA LYS E 28 38.97 13.53 2.47
C LYS E 28 40.15 12.56 2.43
N GLU E 29 39.95 11.31 2.87
CA GLU E 29 41.01 10.30 2.77
C GLU E 29 41.39 10.02 1.32
N GLU E 30 40.45 10.10 0.38
CA GLU E 30 40.68 9.92 -1.06
C GLU E 30 41.14 11.19 -1.75
N GLY E 31 41.30 12.30 -1.03
CA GLY E 31 41.71 13.57 -1.63
C GLY E 31 40.59 14.44 -2.20
N ILE E 32 39.34 14.34 -1.69
CA ILE E 32 38.23 15.18 -2.15
C ILE E 32 37.72 16.04 -0.98
N GLU E 33 37.88 17.35 -1.09
CA GLU E 33 37.50 18.32 -0.06
C GLU E 33 36.14 18.91 -0.39
N TYR E 34 35.22 18.79 0.56
CA TYR E 34 33.93 19.45 0.50
C TYR E 34 33.74 20.30 1.74
N LYS E 35 33.30 21.53 1.59
CA LYS E 35 32.90 22.31 2.76
C LYS E 35 31.42 22.05 2.98
N MET E 36 31.06 21.80 4.23
CA MET E 36 29.67 21.61 4.64
C MET E 36 29.15 22.92 5.24
N VAL E 37 27.98 23.37 4.79
CA VAL E 37 27.31 24.52 5.39
C VAL E 37 25.83 24.23 5.60
N ASN E 38 25.24 24.97 6.52
CA ASN E 38 23.81 24.93 6.81
C ASN E 38 23.15 26.17 6.18
N PHE E 39 22.12 25.96 5.35
CA PHE E 39 21.54 27.10 4.63
C PHE E 39 20.95 28.12 5.59
N GLY E 40 20.46 27.71 6.76
CA GLY E 40 19.86 28.65 7.70
C GLY E 40 20.87 29.48 8.46
N THR E 41 22.02 28.89 8.73
CA THR E 41 23.13 29.59 9.36
C THR E 41 23.84 30.49 8.36
N VAL E 42 23.80 30.14 7.07
CA VAL E 42 24.31 31.07 6.06
C VAL E 42 23.43 32.32 5.98
N MET E 43 22.11 32.15 6.00
CA MET E 43 21.21 33.30 5.99
C MET E 43 21.44 34.18 7.20
N PHE E 44 21.53 33.55 8.36
CA PHE E 44 21.80 34.27 9.59
C PHE E 44 23.07 35.09 9.45
N GLU E 45 24.15 34.48 8.97
CA GLU E 45 25.40 35.21 8.79
C GLU E 45 25.25 36.32 7.77
N VAL E 46 24.55 36.05 6.68
CA VAL E 46 24.35 37.12 5.70
C VAL E 46 23.60 38.28 6.35
N ALA E 47 22.65 37.98 7.22
CA ALA E 47 21.86 39.04 7.85
C ALA E 47 22.64 39.82 8.90
N LYS E 48 23.60 39.17 9.58
CA LYS E 48 24.45 39.89 10.53
C LYS E 48 25.44 40.82 9.82
N GLU E 49 25.95 40.42 8.66
CA GLU E 49 26.77 41.34 7.87
C GLU E 49 25.99 42.60 7.51
N GLU E 50 24.65 42.54 7.46
CA GLU E 50 23.81 43.67 7.06
C GLU E 50 23.19 44.45 8.22
N GLY E 51 23.69 44.29 9.44
CA GLY E 51 23.15 45.09 10.54
C GLY E 51 21.67 44.84 10.83
N LEU E 52 21.08 43.82 10.18
CA LEU E 52 19.64 43.56 10.26
C LEU E 52 19.26 42.81 11.53
N VAL E 53 20.14 41.94 12.02
CA VAL E 53 19.92 41.17 13.22
C VAL E 53 21.22 41.18 14.03
N GLU E 54 21.10 40.77 15.28
CA GLU E 54 22.25 40.40 16.08
C GLU E 54 22.14 38.99 16.62
N ASP E 55 20.94 38.44 16.70
CA ASP E 55 20.67 37.19 17.42
C ASP E 55 19.86 36.31 16.50
N ARG E 56 20.02 35.00 16.65
CA ARG E 56 19.41 34.10 15.69
C ARG E 56 17.90 33.95 15.85
N ASP E 57 17.29 34.37 16.96
CA ASP E 57 15.83 34.38 17.13
C ASP E 57 15.20 35.56 16.38
N GLN E 58 15.95 36.67 16.24
CA GLN E 58 15.55 37.84 15.45
C GLN E 58 15.40 37.57 13.94
N MET E 59 15.78 36.39 13.45
CA MET E 59 15.60 36.02 12.05
C MET E 59 14.11 35.83 11.76
N ARG E 60 13.39 35.36 12.80
CA ARG E 60 11.95 35.12 12.82
C ARG E 60 11.13 36.39 13.13
N LYS E 61 11.71 37.58 12.97
CA LYS E 61 10.97 38.84 13.08
C LYS E 61 11.31 39.79 11.95
N LEU E 62 11.82 39.27 10.83
CA LEU E 62 12.12 40.09 9.66
C LEU E 62 10.93 40.07 8.71
N ASP E 63 10.68 41.21 8.08
CA ASP E 63 9.56 41.32 7.16
C ASP E 63 9.85 40.43 5.95
N PRO E 64 8.82 39.83 5.34
CA PRO E 64 9.07 38.80 4.32
C PRO E 64 9.75 39.34 3.08
N ASP E 65 9.81 40.67 2.94
CA ASP E 65 10.53 41.31 1.84
C ASP E 65 12.06 41.19 1.99
N THR E 66 12.61 41.69 3.09
CA THR E 66 14.06 41.61 3.28
C THR E 66 14.47 40.18 3.58
N GLN E 67 13.53 39.37 4.02
CA GLN E 67 13.77 37.99 4.31
C GLN E 67 13.86 37.09 3.08
N LYS E 68 13.15 37.41 2.01
CA LYS E 68 13.37 36.79 0.72
C LYS E 68 14.60 37.37 0.05
N ARG E 69 14.93 38.63 0.33
CA ARG E 69 16.17 39.19 -0.17
C ARG E 69 17.37 38.54 0.52
N ILE E 70 17.26 38.23 1.82
CA ILE E 70 18.30 37.46 2.51
C ILE E 70 18.42 36.04 1.92
N GLN E 71 17.28 35.44 1.56
CA GLN E 71 17.32 34.11 0.93
C GLN E 71 18.17 34.11 -0.33
N LYS E 72 17.94 35.10 -1.21
CA LYS E 72 18.69 35.22 -2.44
C LYS E 72 20.18 35.43 -2.18
N LEU E 73 20.52 36.30 -1.23
CA LEU E 73 21.92 36.51 -0.93
C LEU E 73 22.57 35.29 -0.31
N ALA E 74 21.81 34.45 0.40
CA ALA E 74 22.40 33.25 0.98
C ALA E 74 22.86 32.31 -0.12
N GLY E 75 22.00 32.06 -1.13
CA GLY E 75 22.42 31.28 -2.29
C GLY E 75 23.58 31.92 -3.03
N ARG E 76 23.60 33.24 -3.15
CA ARG E 76 24.69 33.84 -3.91
C ARG E 76 26.03 33.58 -3.20
N LYS E 77 26.10 33.74 -1.88
CA LYS E 77 27.36 33.49 -1.16
C LYS E 77 27.77 32.02 -1.24
N ILE E 78 26.78 31.11 -1.17
CA ILE E 78 27.19 29.73 -1.33
C ILE E 78 27.80 29.47 -2.69
N ALA E 79 27.25 30.10 -3.73
CA ALA E 79 27.83 30.03 -5.06
C ALA E 79 29.19 30.72 -5.10
N GLU E 80 29.41 31.68 -4.22
CA GLU E 80 30.70 32.36 -4.12
C GLU E 80 31.74 31.46 -3.46
N MET E 81 31.32 30.68 -2.45
CA MET E 81 32.20 29.68 -1.85
C MET E 81 32.55 28.61 -2.88
N ALA E 82 31.66 28.38 -3.81
CA ALA E 82 31.90 27.38 -4.83
C ALA E 82 33.01 27.77 -5.79
N LYS E 83 33.47 29.03 -5.78
CA LYS E 83 34.61 29.38 -6.61
C LYS E 83 35.90 28.74 -6.10
N GLU E 84 35.98 28.50 -4.79
CA GLU E 84 37.22 28.05 -4.16
C GLU E 84 37.15 26.69 -3.48
N SER E 85 35.97 26.07 -3.40
CA SER E 85 35.89 24.75 -2.80
C SER E 85 34.56 24.11 -3.20
N ASN E 86 34.54 22.78 -3.20
CA ASN E 86 33.27 22.05 -3.21
C ASN E 86 32.45 22.38 -1.99
N VAL E 87 31.12 22.47 -2.14
CA VAL E 87 30.23 22.87 -1.05
C VAL E 87 29.05 21.91 -0.97
N ILE E 88 28.73 21.46 0.24
CA ILE E 88 27.54 20.66 0.50
C ILE E 88 26.64 21.44 1.45
N VAL E 89 25.38 21.64 1.06
CA VAL E 89 24.46 22.49 1.78
C VAL E 89 23.41 21.59 2.44
N ASP E 90 23.38 21.61 3.76
CA ASP E 90 22.38 20.88 4.55
C ASP E 90 21.14 21.79 4.68
N THR E 91 20.01 21.37 4.07
CA THR E 91 18.79 22.17 4.19
C THR E 91 17.56 21.31 3.93
N HIS E 92 16.40 21.86 4.30
CA HIS E 92 15.14 21.14 4.16
C HIS E 92 14.59 21.36 2.77
N SER E 93 14.29 20.26 2.09
CA SER E 93 13.60 20.37 0.82
C SER E 93 12.24 21.05 0.99
N THR E 94 11.49 20.70 2.08
CA THR E 94 10.40 21.54 2.56
C THR E 94 10.51 21.58 4.08
N VAL E 95 10.19 22.74 4.64
CA VAL E 95 10.00 22.93 6.08
C VAL E 95 8.54 22.66 6.40
N LYS E 96 8.31 21.74 7.35
CA LYS E 96 6.94 21.46 7.81
C LYS E 96 6.59 22.46 8.90
N THR E 97 5.80 23.46 8.54
CA THR E 97 5.34 24.48 9.46
C THR E 97 3.84 24.34 9.73
N PRO E 98 3.36 24.93 10.80
CA PRO E 98 1.92 24.83 11.09
C PRO E 98 1.03 25.35 9.99
N LYS E 99 1.51 26.30 9.19
CA LYS E 99 0.72 26.85 8.10
C LYS E 99 0.86 26.04 6.81
N GLY E 100 1.71 25.02 6.78
CA GLY E 100 1.90 24.15 5.63
C GLY E 100 3.35 23.96 5.26
N TYR E 101 3.56 23.21 4.18
CA TYR E 101 4.90 22.96 3.66
C TYR E 101 5.48 24.18 2.95
N LEU E 102 6.69 24.56 3.38
CA LEU E 102 7.42 25.72 2.87
C LEU E 102 8.69 25.27 2.15
N ALA E 103 8.73 25.51 0.85
CA ALA E 103 9.87 25.06 0.06
C ALA E 103 11.16 25.71 0.57
N GLY E 104 12.17 24.86 0.84
CA GLY E 104 13.43 25.37 1.36
C GLY E 104 14.30 26.06 0.34
N LEU E 105 14.07 25.82 -0.94
CA LEU E 105 14.80 26.47 -2.03
C LEU E 105 13.78 27.00 -3.04
N PRO E 106 13.11 28.10 -2.70
CA PRO E 106 12.25 28.77 -3.70
C PRO E 106 13.05 29.20 -4.93
N ILE E 107 12.33 29.42 -6.03
CA ILE E 107 12.98 29.65 -7.31
C ILE E 107 14.01 30.78 -7.25
N TRP E 108 13.78 31.81 -6.43
CA TRP E 108 14.76 32.88 -6.36
C TRP E 108 16.05 32.43 -5.68
N VAL E 109 15.99 31.46 -4.78
CA VAL E 109 17.22 30.91 -4.22
C VAL E 109 17.93 30.06 -5.27
N LEU E 110 17.18 29.27 -6.03
CA LEU E 110 17.78 28.41 -7.04
C LEU E 110 18.51 29.20 -8.12
N GLU E 111 18.00 30.37 -8.50
CA GLU E 111 18.58 31.13 -9.59
C GLU E 111 20.01 31.53 -9.27
N GLU E 112 20.31 31.73 -7.99
CA GLU E 112 21.63 32.10 -7.48
C GLU E 112 22.50 30.91 -7.11
N LEU E 113 21.88 29.82 -6.58
CA LEU E 113 22.63 28.69 -6.08
C LEU E 113 23.10 27.80 -7.19
N ASN E 114 22.23 27.52 -8.15
CA ASN E 114 22.55 26.65 -9.28
C ASN E 114 23.13 25.31 -8.81
N PRO E 115 22.42 24.56 -7.98
CA PRO E 115 22.96 23.28 -7.51
C PRO E 115 23.12 22.27 -8.63
N ASP E 116 24.10 21.40 -8.46
CA ASP E 116 24.35 20.33 -9.41
C ASP E 116 23.72 19.02 -9.01
N ILE E 117 23.57 18.76 -7.70
CA ILE E 117 22.94 17.54 -7.21
C ILE E 117 22.06 17.91 -6.01
N ILE E 118 20.83 17.36 -5.98
CA ILE E 118 19.95 17.37 -4.82
C ILE E 118 19.92 15.95 -4.25
N VAL E 119 20.32 15.77 -2.99
CA VAL E 119 20.24 14.46 -2.34
C VAL E 119 19.04 14.44 -1.39
N ILE E 120 18.20 13.42 -1.49
CA ILE E 120 17.10 13.19 -0.55
C ILE E 120 17.46 11.98 0.31
N VAL E 121 17.58 12.16 1.61
CA VAL E 121 17.88 11.06 2.53
C VAL E 121 16.55 10.57 3.11
N GLU E 122 16.25 9.28 2.90
CA GLU E 122 14.98 8.71 3.27
C GLU E 122 15.15 7.43 4.08
N THR E 123 14.11 7.12 4.88
CA THR E 123 13.91 5.78 5.41
C THR E 123 12.44 5.66 5.79
N SER E 124 12.09 4.53 6.36
CA SER E 124 10.72 4.29 6.79
C SER E 124 10.33 5.25 7.92
N SER E 125 9.05 5.65 7.91
CA SER E 125 8.51 6.48 8.98
C SER E 125 8.61 5.82 10.35
N ASP E 126 8.49 4.47 10.42
CA ASP E 126 8.66 3.74 11.69
C ASP E 126 10.04 4.02 12.27
N GLU E 127 11.10 3.87 11.45
CA GLU E 127 12.46 4.17 11.91
C GLU E 127 12.61 5.66 12.26
N ILE E 128 12.00 6.54 11.49
CA ILE E 128 12.08 7.97 11.80
C ILE E 128 11.35 8.29 13.08
N LEU E 129 10.18 7.73 13.28
CA LEU E 129 9.44 8.10 14.47
C LEU E 129 10.11 7.54 15.72
N MET E 130 10.76 6.39 15.59
CA MET E 130 11.47 5.80 16.71
C MET E 130 12.77 6.55 16.99
N ARG E 131 13.54 6.91 15.96
CA ARG E 131 14.70 7.78 16.19
C ARG E 131 14.26 9.08 16.87
N ARG E 132 13.11 9.61 16.45
CA ARG E 132 12.64 10.82 17.07
C ARG E 132 12.38 10.56 18.54
N LEU E 133 11.66 9.49 18.90
CA LEU E 133 11.22 9.31 20.28
C LEU E 133 12.37 9.25 21.28
N GLY E 134 13.52 8.71 20.88
CA GLY E 134 14.63 8.63 21.81
C GLY E 134 15.26 9.99 22.13
N ASP E 135 15.50 10.79 21.10
CA ASP E 135 16.13 12.09 21.25
C ASP E 135 15.53 12.96 22.35
N ALA E 136 16.26 13.07 23.47
CA ALA E 136 15.88 13.95 24.56
C ALA E 136 15.94 15.42 24.20
N THR E 137 16.23 15.74 22.93
CA THR E 137 16.23 17.10 22.43
C THR E 137 15.18 17.31 21.33
N ARG E 138 13.95 16.90 21.54
CA ARG E 138 12.86 17.17 20.59
C ARG E 138 11.57 17.21 21.38
N ASN E 139 10.66 18.08 20.95
CA ASN E 139 9.30 17.97 21.44
C ASN E 139 8.24 18.04 20.32
N ARG E 140 8.42 18.97 19.35
CA ARG E 140 7.59 19.03 18.14
C ARG E 140 8.21 18.09 17.07
N GLU E 143 3.87 13.87 16.47
CA GLU E 143 3.41 13.56 15.12
C GLU E 143 3.56 12.11 14.68
N LEU E 144 2.62 11.61 13.88
CA LEU E 144 2.56 10.19 13.57
C LEU E 144 3.20 9.86 12.22
N THR E 145 3.20 8.57 11.89
CA THR E 145 3.90 8.09 10.72
C THR E 145 3.21 8.50 9.43
N SER E 146 1.90 8.72 9.44
CA SER E 146 1.28 9.22 8.22
C SER E 146 1.71 10.68 7.95
N ASP E 147 1.92 11.48 8.99
CA ASP E 147 2.43 12.84 8.81
C ASP E 147 3.84 12.82 8.25
N ILE E 148 4.64 11.85 8.72
CA ILE E 148 6.03 11.73 8.28
C ILE E 148 6.09 11.23 6.84
N ASP E 149 5.22 10.31 6.48
CA ASP E 149 5.18 9.86 5.08
C ASP E 149 4.64 10.95 4.16
N GLU E 150 3.68 11.74 4.63
CA GLU E 150 3.23 12.90 3.87
C GLU E 150 4.37 13.88 3.60
N HIS E 151 5.23 14.13 4.60
CA HIS E 151 6.36 15.08 4.47
C HIS E 151 7.42 14.54 3.50
N GLN E 152 7.67 13.23 3.55
CA GLN E 152 8.57 12.60 2.58
C GLN E 152 7.98 12.62 1.16
N PHE E 153 6.65 12.58 1.05
CA PHE E 153 6.00 12.73 -0.26
C PHE E 153 6.27 14.14 -0.82
N MET E 154 5.96 15.20 -0.06
CA MET E 154 6.07 16.55 -0.60
C MET E 154 7.51 16.95 -0.89
N ASN E 155 8.46 16.44 -0.10
CA ASN E 155 9.87 16.68 -0.31
C ASN E 155 10.35 16.15 -1.64
N ARG E 156 9.82 15.02 -2.06
CA ARG E 156 10.13 14.47 -3.36
C ARG E 156 9.60 15.36 -4.48
N CYS E 157 8.38 15.85 -4.34
CA CYS E 157 7.84 16.78 -5.32
C CYS E 157 8.64 18.09 -5.39
N ALA E 158 9.10 18.63 -4.25
CA ALA E 158 9.84 19.89 -4.31
C ALA E 158 11.19 19.68 -4.97
N ALA E 159 11.87 18.58 -4.58
CA ALA E 159 13.21 18.29 -5.07
C ALA E 159 13.19 18.01 -6.56
N MET E 160 12.20 17.24 -7.03
CA MET E 160 12.09 17.04 -8.49
C MET E 160 11.77 18.35 -9.22
N ALA E 161 10.98 19.22 -8.59
CA ALA E 161 10.73 20.54 -9.15
C ALA E 161 12.04 21.33 -9.23
N TYR E 162 12.87 21.25 -8.20
CA TYR E 162 14.19 21.86 -8.26
C TYR E 162 14.99 21.37 -9.46
N GLY E 163 14.97 20.06 -9.72
CA GLY E 163 15.68 19.48 -10.84
C GLY E 163 15.18 20.00 -12.18
N VAL E 164 13.86 20.17 -12.31
CA VAL E 164 13.31 20.73 -13.54
C VAL E 164 13.82 22.15 -13.77
N LEU E 165 13.92 22.95 -12.71
CA LEU E 165 14.27 24.35 -12.90
C LEU E 165 15.79 24.59 -13.07
N THR E 166 16.64 23.73 -12.54
CA THR E 166 18.08 23.97 -12.46
C THR E 166 18.92 23.00 -13.30
N GLY E 167 18.39 21.84 -13.64
CA GLY E 167 19.16 20.79 -14.25
C GLY E 167 19.90 19.89 -13.30
N ALA E 168 19.77 20.08 -11.99
CA ALA E 168 20.40 19.18 -11.02
C ALA E 168 19.82 17.77 -11.12
N THR E 169 20.67 16.80 -10.96
CA THR E 169 20.24 15.43 -10.71
C THR E 169 19.70 15.26 -9.27
N VAL E 170 18.62 14.47 -9.13
CA VAL E 170 17.96 14.26 -7.83
C VAL E 170 18.14 12.79 -7.42
N LYS E 171 18.87 12.59 -6.33
CA LYS E 171 19.32 11.27 -5.89
C LYS E 171 18.66 10.93 -4.56
N ILE E 172 18.05 9.76 -4.47
CA ILE E 172 17.44 9.31 -3.22
C ILE E 172 18.34 8.22 -2.65
N ILE E 173 18.79 8.44 -1.42
CA ILE E 173 19.56 7.46 -0.67
C ILE E 173 18.77 7.06 0.57
N LYS E 174 18.77 5.76 0.86
CA LYS E 174 18.12 5.21 2.03
C LYS E 174 19.13 5.11 3.17
N ASN E 175 18.80 5.69 4.31
CA ASN E 175 19.62 5.70 5.53
C ASN E 175 18.88 4.87 6.59
N ARG E 176 19.02 3.55 6.52
CA ARG E 176 18.21 2.61 7.30
C ARG E 176 18.98 2.14 8.53
N ASP E 177 18.23 1.92 9.62
CA ASP E 177 18.82 1.36 10.83
C ASP E 177 19.66 0.11 10.52
N GLY E 178 20.84 0.04 11.13
CA GLY E 178 21.77 -1.07 10.97
C GLY E 178 22.54 -1.09 9.67
N LEU E 179 22.30 -0.10 8.81
CA LEU E 179 22.81 -0.02 7.44
C LEU E 179 23.30 1.39 7.15
N LEU E 180 23.81 2.09 8.16
CA LEU E 180 24.31 3.43 7.90
C LEU E 180 25.51 3.41 6.96
N ASP E 181 26.41 2.43 7.11
CA ASP E 181 27.60 2.35 6.26
C ASP E 181 27.25 2.13 4.79
N LYS E 182 26.10 1.51 4.49
CA LYS E 182 25.67 1.34 3.10
C LYS E 182 25.28 2.69 2.48
N ALA E 183 24.67 3.59 3.27
CA ALA E 183 24.27 4.91 2.77
C ALA E 183 25.47 5.82 2.54
N VAL E 184 26.43 5.75 3.47
CA VAL E 184 27.70 6.46 3.34
C VAL E 184 28.42 6.04 2.06
N GLU E 185 28.56 4.73 1.83
CA GLU E 185 29.24 4.26 0.63
C GLU E 185 28.54 4.74 -0.64
N GLU E 186 27.21 4.80 -0.63
CA GLU E 186 26.51 5.25 -1.82
C GLU E 186 26.78 6.72 -2.08
N LEU E 187 26.82 7.52 -1.02
CA LEU E 187 27.01 8.94 -1.21
C LEU E 187 28.46 9.25 -1.59
N ILE E 188 29.43 8.60 -0.94
CA ILE E 188 30.82 8.68 -1.40
C ILE E 188 30.88 8.42 -2.91
N SER E 189 30.17 7.39 -3.36
CA SER E 189 30.11 7.07 -4.78
C SER E 189 29.48 8.21 -5.59
N VAL E 190 28.35 8.76 -5.14
CA VAL E 190 27.67 9.80 -5.93
C VAL E 190 28.63 10.96 -6.22
N LEU E 191 29.45 11.35 -5.24
CA LEU E 191 30.34 12.50 -5.39
C LEU E 191 31.65 12.15 -6.11
N LYS E 192 31.85 10.92 -6.52
CA LYS E 192 33.00 10.52 -7.31
C LYS E 192 32.57 10.30 -8.78
N LYS F 2 -0.03 43.21 3.33
CA LYS F 2 -0.45 42.90 4.70
C LYS F 2 -1.60 41.86 4.61
N ASN F 3 -2.55 42.08 3.69
CA ASN F 3 -3.66 41.14 3.47
C ASN F 3 -3.18 39.81 2.89
N LYS F 4 -3.86 38.73 3.27
CA LYS F 4 -3.45 37.41 2.78
C LYS F 4 -4.23 37.03 1.52
N VAL F 5 -3.57 36.27 0.64
CA VAL F 5 -4.21 35.60 -0.50
C VAL F 5 -4.09 34.10 -0.31
N VAL F 6 -5.22 33.42 -0.25
CA VAL F 6 -5.27 31.99 0.03
C VAL F 6 -5.96 31.31 -1.12
N VAL F 7 -5.38 30.22 -1.59
CA VAL F 7 -6.02 29.38 -2.60
C VAL F 7 -6.49 28.09 -1.92
N VAL F 8 -7.77 27.76 -2.08
CA VAL F 8 -8.33 26.51 -1.57
C VAL F 8 -8.59 25.59 -2.75
N THR F 9 -8.07 24.37 -2.63
CA THR F 9 -7.94 23.40 -3.71
C THR F 9 -8.54 22.06 -3.29
N GLY F 10 -9.02 21.30 -4.30
CA GLY F 10 -9.58 19.98 -4.07
C GLY F 10 -10.26 19.30 -5.25
N VAL F 11 -10.28 17.96 -5.30
CA VAL F 11 -10.96 17.26 -6.38
C VAL F 11 -12.48 17.37 -6.21
N PRO F 12 -13.28 17.29 -7.26
CA PRO F 12 -14.74 17.36 -7.08
C PRO F 12 -15.29 16.31 -6.09
N GLY F 13 -16.27 16.72 -5.28
CA GLY F 13 -16.81 15.81 -4.29
C GLY F 13 -16.05 15.81 -2.96
N VAL F 14 -14.91 16.53 -2.85
CA VAL F 14 -14.17 16.55 -1.60
C VAL F 14 -14.71 17.54 -0.57
N GLY F 15 -15.66 18.42 -0.93
CA GLY F 15 -16.28 19.32 0.01
C GLY F 15 -15.50 20.58 0.36
N GLY F 16 -14.55 20.99 -0.48
CA GLY F 16 -13.71 22.13 -0.13
C GLY F 16 -14.43 23.47 -0.17
N THR F 17 -15.43 23.59 -1.01
CA THR F 17 -16.20 24.82 -1.07
C THR F 17 -17.04 24.98 0.18
N THR F 18 -17.75 23.94 0.57
CA THR F 18 -18.54 24.01 1.80
C THR F 18 -17.66 24.25 3.02
N LEU F 19 -16.50 23.61 3.07
CA LEU F 19 -15.51 23.88 4.11
C LEU F 19 -15.08 25.35 4.10
N THR F 20 -14.78 25.90 2.93
CA THR F 20 -14.36 27.30 2.87
C THR F 20 -15.48 28.23 3.30
N GLN F 21 -16.70 27.99 2.81
CA GLN F 21 -17.83 28.82 3.22
C GLN F 21 -18.09 28.73 4.70
N LYS F 22 -18.02 27.53 5.27
CA LYS F 22 -18.19 27.41 6.72
C LYS F 22 -17.11 28.17 7.48
N THR F 23 -15.86 28.10 7.01
CA THR F 23 -14.75 28.78 7.69
C THR F 23 -14.87 30.29 7.61
N ILE F 24 -15.19 30.83 6.43
CA ILE F 24 -15.33 32.27 6.27
C ILE F 24 -16.32 32.87 7.27
N GLU F 25 -17.36 32.11 7.60
CA GLU F 25 -18.43 32.59 8.47
C GLU F 25 -18.01 32.64 9.95
N LYS F 26 -17.26 31.62 10.42
CA LYS F 26 -16.86 31.68 11.81
C LYS F 26 -15.72 32.67 12.00
N LEU F 27 -14.93 32.91 10.96
CA LEU F 27 -13.95 33.98 11.06
C LEU F 27 -14.62 35.34 11.19
N LYS F 28 -15.82 35.52 10.61
CA LYS F 28 -16.51 36.80 10.75
C LYS F 28 -16.97 37.02 12.18
N GLU F 29 -17.30 35.95 12.89
CA GLU F 29 -17.63 36.08 14.30
C GLU F 29 -16.48 36.67 15.11
N GLU F 30 -15.26 36.30 14.77
CA GLU F 30 -14.03 36.77 15.41
C GLU F 30 -13.49 38.03 14.77
N GLY F 31 -14.15 38.57 13.75
CA GLY F 31 -13.76 39.84 13.13
C GLY F 31 -12.72 39.77 12.03
N ILE F 32 -12.56 38.64 11.35
CA ILE F 32 -11.57 38.47 10.29
C ILE F 32 -12.30 38.31 8.97
N GLU F 33 -12.13 39.26 8.07
CA GLU F 33 -12.88 39.29 6.84
C GLU F 33 -12.09 38.59 5.74
N TYR F 34 -12.70 37.55 5.18
CA TYR F 34 -12.25 36.89 3.98
C TYR F 34 -13.35 37.02 2.94
N LYS F 35 -12.99 37.49 1.76
CA LYS F 35 -13.83 37.50 0.57
C LYS F 35 -13.57 36.24 -0.24
N MET F 36 -14.62 35.52 -0.63
CA MET F 36 -14.44 34.29 -1.41
C MET F 36 -14.69 34.54 -2.89
N VAL F 37 -13.79 34.07 -3.74
CA VAL F 37 -13.96 34.16 -5.18
C VAL F 37 -13.65 32.80 -5.81
N ASN F 38 -14.19 32.59 -6.99
CA ASN F 38 -13.96 31.42 -7.84
C ASN F 38 -13.05 31.85 -9.00
N PHE F 39 -11.93 31.15 -9.20
CA PHE F 39 -10.96 31.61 -10.20
C PHE F 39 -11.58 31.60 -11.60
N GLY F 40 -12.51 30.70 -11.86
CA GLY F 40 -13.11 30.65 -13.18
C GLY F 40 -14.10 31.76 -13.43
N THR F 41 -14.82 32.20 -12.39
CA THR F 41 -15.75 33.29 -12.63
C THR F 41 -15.03 34.63 -12.67
N VAL F 42 -13.86 34.75 -12.05
CA VAL F 42 -13.05 35.95 -12.22
C VAL F 42 -12.52 36.08 -13.64
N MET F 43 -12.07 34.98 -14.27
CA MET F 43 -11.62 35.04 -15.66
C MET F 43 -12.75 35.47 -16.58
N PHE F 44 -13.96 34.96 -16.33
CA PHE F 44 -15.14 35.42 -17.07
C PHE F 44 -15.32 36.93 -16.91
N GLU F 45 -15.26 37.43 -15.68
CA GLU F 45 -15.47 38.85 -15.47
C GLU F 45 -14.39 39.68 -16.18
N VAL F 46 -13.13 39.22 -16.14
CA VAL F 46 -12.06 39.93 -16.84
C VAL F 46 -12.33 39.95 -18.34
N ALA F 47 -12.80 38.83 -18.87
CA ALA F 47 -13.06 38.76 -20.30
C ALA F 47 -14.29 39.57 -20.70
N LYS F 48 -15.25 39.79 -19.77
CA LYS F 48 -16.35 40.67 -20.10
C LYS F 48 -15.90 42.13 -20.14
N GLU F 49 -15.10 42.56 -19.16
CA GLU F 49 -14.62 43.95 -19.19
C GLU F 49 -13.74 44.25 -20.40
N GLU F 50 -12.98 43.26 -20.85
CA GLU F 50 -12.01 43.42 -21.91
C GLU F 50 -12.69 43.32 -23.28
N GLY F 51 -14.03 43.22 -23.31
CA GLY F 51 -14.81 43.15 -24.54
C GLY F 51 -14.72 41.85 -25.30
N LEU F 52 -14.13 40.81 -24.71
CA LEU F 52 -13.92 39.54 -25.41
C LEU F 52 -15.16 38.64 -25.42
N VAL F 53 -16.01 38.69 -24.38
CA VAL F 53 -17.17 37.82 -24.29
C VAL F 53 -18.39 38.60 -23.80
N GLU F 54 -19.55 37.94 -23.91
CA GLU F 54 -20.75 38.27 -23.16
C GLU F 54 -21.32 37.10 -22.35
N ASP F 55 -20.98 35.85 -22.67
CA ASP F 55 -21.59 34.65 -22.11
C ASP F 55 -20.44 33.78 -21.65
N ARG F 56 -20.66 32.95 -20.63
CA ARG F 56 -19.52 32.19 -20.11
C ARG F 56 -19.14 31.03 -21.03
N ASP F 57 -19.99 30.63 -21.97
CA ASP F 57 -19.61 29.61 -22.93
C ASP F 57 -18.74 30.17 -24.06
N GLN F 58 -18.91 31.45 -24.41
CA GLN F 58 -18.03 32.05 -25.41
C GLN F 58 -16.56 32.03 -25.00
N MET F 59 -16.24 31.84 -23.72
CA MET F 59 -14.83 31.90 -23.33
C MET F 59 -14.05 30.68 -23.79
N ARG F 60 -14.65 29.52 -23.71
CA ARG F 60 -13.95 28.28 -24.01
C ARG F 60 -13.98 28.01 -25.51
N LYS F 61 -13.98 29.07 -26.32
CA LYS F 61 -13.76 28.96 -27.76
C LYS F 61 -12.83 30.09 -28.24
N LEU F 62 -12.08 30.69 -27.32
CA LEU F 62 -11.11 31.74 -27.61
C LEU F 62 -9.75 31.11 -27.87
N ASP F 63 -8.96 31.77 -28.72
CA ASP F 63 -7.64 31.29 -29.09
C ASP F 63 -6.71 31.22 -27.88
N PRO F 64 -5.75 30.29 -27.89
CA PRO F 64 -5.04 29.94 -26.65
C PRO F 64 -4.11 31.02 -26.10
N ASP F 65 -3.65 31.96 -26.91
CA ASP F 65 -2.88 33.09 -26.36
C ASP F 65 -3.78 34.03 -25.58
N THR F 66 -4.96 34.36 -26.10
CA THR F 66 -5.78 35.32 -25.36
C THR F 66 -6.36 34.69 -24.08
N GLN F 67 -6.63 33.42 -24.09
CA GLN F 67 -7.17 32.84 -22.86
C GLN F 67 -6.06 32.65 -21.82
N LYS F 68 -4.80 32.59 -22.27
CA LYS F 68 -3.66 32.69 -21.35
C LYS F 68 -3.48 34.11 -20.80
N ARG F 69 -3.81 35.14 -21.57
CA ARG F 69 -3.76 36.48 -21.01
C ARG F 69 -4.84 36.68 -19.98
N ILE F 70 -6.03 36.15 -20.26
CA ILE F 70 -7.14 36.24 -19.34
C ILE F 70 -6.76 35.59 -18.04
N GLN F 71 -6.10 34.44 -18.13
CA GLN F 71 -5.62 33.77 -16.92
C GLN F 71 -4.76 34.73 -16.12
N LYS F 72 -3.75 35.32 -16.79
CA LYS F 72 -2.81 36.26 -16.16
C LYS F 72 -3.55 37.43 -15.56
N LEU F 73 -4.50 37.99 -16.27
CA LEU F 73 -5.27 39.12 -15.76
C LEU F 73 -6.23 38.74 -14.63
N ALA F 74 -6.72 37.49 -14.59
CA ALA F 74 -7.55 37.09 -13.45
C ALA F 74 -6.71 37.09 -12.17
N GLY F 75 -5.51 36.51 -12.25
CA GLY F 75 -4.60 36.52 -11.13
C GLY F 75 -4.24 37.92 -10.66
N ARG F 76 -3.97 38.83 -11.62
CA ARG F 76 -3.68 40.20 -11.26
C ARG F 76 -4.87 40.83 -10.55
N LYS F 77 -6.08 40.60 -11.09
CA LYS F 77 -7.27 41.21 -10.52
C LYS F 77 -7.53 40.75 -9.08
N ILE F 78 -7.27 39.47 -8.79
CA ILE F 78 -7.36 38.95 -7.42
C ILE F 78 -6.32 39.63 -6.55
N ALA F 79 -5.13 39.84 -7.12
CA ALA F 79 -4.09 40.58 -6.40
C ALA F 79 -4.51 42.00 -6.09
N GLU F 80 -5.35 42.60 -6.94
CA GLU F 80 -5.86 43.95 -6.68
C GLU F 80 -6.99 43.99 -5.66
N MET F 81 -7.90 43.03 -5.66
CA MET F 81 -8.94 43.00 -4.62
C MET F 81 -8.35 42.73 -3.25
N ALA F 82 -7.15 42.16 -3.19
CA ALA F 82 -6.43 41.98 -1.93
C ALA F 82 -5.85 43.26 -1.36
N LYS F 83 -5.83 44.37 -2.10
CA LYS F 83 -5.52 45.64 -1.45
C LYS F 83 -6.60 46.04 -0.47
N GLU F 84 -7.82 45.53 -0.65
CA GLU F 84 -8.95 45.93 0.16
C GLU F 84 -9.48 44.80 1.03
N SER F 85 -8.94 43.60 0.92
CA SER F 85 -9.53 42.47 1.63
C SER F 85 -8.57 41.30 1.68
N ASN F 86 -8.68 40.49 2.75
CA ASN F 86 -8.18 39.13 2.65
C ASN F 86 -8.98 38.43 1.57
N VAL F 87 -8.34 37.58 0.79
CA VAL F 87 -9.02 36.93 -0.33
C VAL F 87 -8.75 35.43 -0.30
N ILE F 88 -9.82 34.65 -0.46
CA ILE F 88 -9.77 33.20 -0.63
C ILE F 88 -10.32 32.85 -2.00
N VAL F 89 -9.52 32.10 -2.77
CA VAL F 89 -9.80 31.70 -4.14
C VAL F 89 -10.05 30.19 -4.20
N ASP F 90 -11.26 29.81 -4.65
CA ASP F 90 -11.64 28.41 -4.89
C ASP F 90 -11.19 28.05 -6.30
N THR F 91 -10.20 27.16 -6.41
CA THR F 91 -9.70 26.82 -7.73
C THR F 91 -9.13 25.42 -7.70
N HIS F 92 -8.96 24.86 -8.90
CA HIS F 92 -8.44 23.51 -9.03
C HIS F 92 -6.95 23.51 -9.15
N SER F 93 -6.29 22.73 -8.31
CA SER F 93 -4.85 22.54 -8.45
C SER F 93 -4.52 21.95 -9.81
N THR F 94 -5.26 20.90 -10.19
CA THR F 94 -5.32 20.46 -11.57
C THR F 94 -6.79 20.16 -11.88
N VAL F 95 -7.18 20.47 -13.11
CA VAL F 95 -8.44 20.03 -13.71
C VAL F 95 -8.16 18.74 -14.48
N LYS F 96 -8.96 17.70 -14.21
CA LYS F 96 -8.83 16.40 -14.89
C LYS F 96 -9.62 16.46 -16.17
N THR F 97 -8.94 16.60 -17.29
CA THR F 97 -9.64 16.71 -18.56
C THR F 97 -9.39 15.43 -19.35
N PRO F 98 -10.21 15.16 -20.35
CA PRO F 98 -9.99 13.95 -21.17
C PRO F 98 -8.63 13.95 -21.83
N LYS F 99 -8.05 15.12 -22.06
CA LYS F 99 -6.71 15.27 -22.62
C LYS F 99 -5.60 15.15 -21.57
N GLY F 100 -5.95 15.08 -20.28
CA GLY F 100 -4.97 14.96 -19.24
C GLY F 100 -5.19 15.97 -18.16
N TYR F 101 -4.31 15.95 -17.18
CA TYR F 101 -4.36 16.91 -16.09
C TYR F 101 -3.86 18.27 -16.58
N LEU F 102 -4.63 19.31 -16.29
CA LEU F 102 -4.27 20.68 -16.67
C LEU F 102 -4.05 21.49 -15.40
N ALA F 103 -2.87 22.09 -15.27
CA ALA F 103 -2.58 22.92 -14.11
C ALA F 103 -3.47 24.16 -14.07
N GLY F 104 -4.11 24.36 -12.90
CA GLY F 104 -5.02 25.46 -12.70
C GLY F 104 -4.38 26.83 -12.44
N LEU F 105 -3.12 26.87 -11.97
CA LEU F 105 -2.34 28.11 -11.78
C LEU F 105 -1.00 27.88 -12.46
N PRO F 106 -0.95 27.93 -13.79
CA PRO F 106 0.34 27.99 -14.47
C PRO F 106 1.12 29.25 -14.07
N ILE F 107 2.43 29.21 -14.33
CA ILE F 107 3.35 30.23 -13.83
C ILE F 107 2.91 31.65 -14.18
N TRP F 108 2.33 31.87 -15.38
CA TRP F 108 1.95 33.24 -15.70
C TRP F 108 0.84 33.75 -14.78
N VAL F 109 0.04 32.84 -14.20
CA VAL F 109 -0.95 33.26 -13.21
C VAL F 109 -0.31 33.52 -11.85
N LEU F 110 0.55 32.62 -11.40
CA LEU F 110 1.16 32.73 -10.06
C LEU F 110 2.02 33.99 -9.91
N GLU F 111 2.72 34.38 -10.98
CA GLU F 111 3.55 35.57 -10.93
C GLU F 111 2.71 36.82 -10.67
N GLU F 112 1.46 36.84 -11.13
CA GLU F 112 0.53 37.93 -10.83
C GLU F 112 -0.27 37.73 -9.57
N LEU F 113 -0.62 36.49 -9.25
CA LEU F 113 -1.46 36.22 -8.07
C LEU F 113 -0.67 36.35 -6.78
N ASN F 114 0.56 35.86 -6.75
CA ASN F 114 1.41 35.87 -5.55
C ASN F 114 0.70 35.35 -4.30
N PRO F 115 0.29 34.11 -4.29
CA PRO F 115 -0.40 33.55 -3.10
C PRO F 115 0.47 33.36 -1.85
N ASP F 116 -0.19 33.42 -0.70
CA ASP F 116 0.48 33.15 0.58
C ASP F 116 0.30 31.71 1.05
N ILE F 117 -0.83 31.10 0.74
CA ILE F 117 -1.13 29.74 1.15
C ILE F 117 -1.88 29.06 0.02
N ILE F 118 -1.47 27.82 -0.30
CA ILE F 118 -2.26 26.87 -1.09
C ILE F 118 -2.75 25.81 -0.12
N VAL F 119 -4.07 25.67 -0.02
CA VAL F 119 -4.68 24.64 0.82
C VAL F 119 -5.16 23.52 -0.06
N ILE F 120 -4.78 22.28 0.28
CA ILE F 120 -5.24 21.07 -0.37
C ILE F 120 -6.17 20.32 0.59
N VAL F 121 -7.40 20.13 0.16
CA VAL F 121 -8.42 19.42 0.93
C VAL F 121 -8.48 17.99 0.37
N GLU F 122 -8.32 16.99 1.25
CA GLU F 122 -8.22 15.60 0.86
C GLU F 122 -9.12 14.76 1.76
N THR F 123 -9.49 13.59 1.26
CA THR F 123 -9.98 12.46 2.06
C THR F 123 -9.76 11.20 1.23
N SER F 124 -10.24 10.06 1.71
CA SER F 124 -10.07 8.82 0.97
C SER F 124 -10.83 8.84 -0.38
N SER F 125 -10.24 8.17 -1.37
CA SER F 125 -10.98 8.01 -2.62
C SER F 125 -12.34 7.35 -2.38
N ASP F 126 -12.47 6.48 -1.36
CA ASP F 126 -13.76 5.82 -1.07
C ASP F 126 -14.86 6.82 -0.68
N GLU F 127 -14.58 7.68 0.28
CA GLU F 127 -15.57 8.68 0.70
C GLU F 127 -15.93 9.65 -0.44
N ILE F 128 -14.97 9.98 -1.28
CA ILE F 128 -15.25 10.86 -2.42
C ILE F 128 -16.17 10.15 -3.42
N LEU F 129 -15.93 8.88 -3.70
CA LEU F 129 -16.75 8.21 -4.69
C LEU F 129 -18.19 8.03 -4.21
N MET F 130 -18.39 7.83 -2.90
CA MET F 130 -19.75 7.68 -2.38
C MET F 130 -20.52 8.99 -2.44
N ARG F 131 -19.87 10.11 -2.09
CA ARG F 131 -20.47 11.43 -2.21
C ARG F 131 -20.91 11.72 -3.65
N ARG F 132 -20.09 11.31 -4.63
CA ARG F 132 -20.41 11.55 -6.05
C ARG F 132 -21.60 10.76 -6.51
N LEU F 133 -21.69 9.48 -6.10
CA LEU F 133 -22.88 8.71 -6.44
C LEU F 133 -24.11 9.29 -5.76
N GLY F 134 -23.95 9.92 -4.59
CA GLY F 134 -25.09 10.51 -3.89
C GLY F 134 -25.55 11.83 -4.49
N ASP F 135 -24.61 12.71 -4.82
CA ASP F 135 -24.93 13.96 -5.51
C ASP F 135 -25.74 13.64 -6.75
N ALA F 136 -27.03 13.95 -6.71
CA ALA F 136 -27.96 13.81 -7.83
C ALA F 136 -27.62 14.71 -9.01
N THR F 137 -26.53 15.49 -8.90
CA THR F 137 -26.02 16.38 -9.93
C THR F 137 -24.68 15.94 -10.51
N ARG F 138 -24.00 14.96 -9.90
CA ARG F 138 -22.87 14.29 -10.55
C ARG F 138 -23.55 13.38 -11.55
N ASN F 139 -23.63 13.82 -12.78
CA ASN F 139 -24.18 13.03 -13.87
C ASN F 139 -23.06 12.31 -14.60
N ARG F 140 -21.92 13.00 -14.69
CA ARG F 140 -20.76 12.67 -15.50
C ARG F 140 -19.61 11.94 -14.75
N ILE F 142 -18.14 9.13 -12.59
CA ILE F 142 -18.37 7.81 -13.23
C ILE F 142 -16.97 7.20 -13.47
N GLU F 143 -16.04 7.64 -12.64
CA GLU F 143 -14.67 7.16 -12.58
C GLU F 143 -14.41 6.57 -11.22
N LEU F 144 -13.50 5.59 -11.16
CA LEU F 144 -13.35 4.76 -9.97
C LEU F 144 -12.32 5.35 -9.02
N THR F 145 -12.06 4.63 -7.92
CA THR F 145 -11.20 5.17 -6.86
C THR F 145 -9.74 5.27 -7.26
N SER F 146 -9.25 4.39 -8.11
CA SER F 146 -7.86 4.53 -8.52
C SER F 146 -7.66 5.82 -9.31
N ASP F 147 -8.66 6.22 -10.13
CA ASP F 147 -8.58 7.49 -10.85
C ASP F 147 -8.71 8.70 -9.91
N ILE F 148 -9.45 8.57 -8.80
CA ILE F 148 -9.51 9.66 -7.81
C ILE F 148 -8.17 9.81 -7.10
N ASP F 149 -7.53 8.67 -6.79
CA ASP F 149 -6.22 8.68 -6.13
C ASP F 149 -5.13 9.24 -7.04
N GLU F 150 -5.18 8.92 -8.34
CA GLU F 150 -4.25 9.50 -9.30
C GLU F 150 -4.35 11.02 -9.32
N HIS F 151 -5.58 11.54 -9.28
CA HIS F 151 -5.83 12.97 -9.32
C HIS F 151 -5.35 13.68 -8.06
N GLN F 152 -5.55 13.07 -6.88
CA GLN F 152 -5.07 13.68 -5.64
C GLN F 152 -3.54 13.68 -5.56
N PHE F 153 -2.88 12.67 -6.14
CA PHE F 153 -1.44 12.68 -6.32
C PHE F 153 -1.00 13.84 -7.21
N MET F 154 -1.58 13.96 -8.40
CA MET F 154 -1.12 14.99 -9.31
C MET F 154 -1.40 16.37 -8.73
N ASN F 155 -2.51 16.51 -7.99
CA ASN F 155 -2.78 17.78 -7.36
C ASN F 155 -1.68 18.14 -6.38
N ARG F 156 -1.13 17.14 -5.68
CA ARG F 156 -0.05 17.44 -4.73
C ARG F 156 1.18 17.91 -5.46
N CYS F 157 1.54 17.24 -6.57
CA CYS F 157 2.69 17.64 -7.36
C CYS F 157 2.54 19.08 -7.89
N ALA F 158 1.34 19.47 -8.34
CA ALA F 158 1.14 20.82 -8.84
C ALA F 158 1.25 21.84 -7.72
N ALA F 159 0.55 21.58 -6.61
CA ALA F 159 0.52 22.53 -5.49
C ALA F 159 1.89 22.71 -4.87
N MET F 160 2.67 21.65 -4.74
CA MET F 160 4.05 21.81 -4.27
C MET F 160 4.90 22.58 -5.30
N ALA F 161 4.67 22.37 -6.60
CA ALA F 161 5.40 23.18 -7.56
C ALA F 161 5.03 24.67 -7.43
N TYR F 162 3.74 24.97 -7.20
CA TYR F 162 3.30 26.34 -6.95
C TYR F 162 4.06 26.97 -5.78
N GLY F 163 4.24 26.21 -4.69
CA GLY F 163 5.01 26.68 -3.57
C GLY F 163 6.47 26.95 -3.89
N VAL F 164 7.09 26.09 -4.71
CA VAL F 164 8.46 26.37 -5.12
C VAL F 164 8.55 27.67 -5.94
N LEU F 165 7.58 27.94 -6.80
CA LEU F 165 7.66 29.10 -7.68
C LEU F 165 7.24 30.40 -7.00
N THR F 166 6.45 30.34 -5.91
CA THR F 166 5.91 31.56 -5.28
C THR F 166 6.36 31.80 -3.83
N GLY F 167 6.80 30.77 -3.08
CA GLY F 167 7.04 30.88 -1.65
C GLY F 167 5.83 30.68 -0.75
N ALA F 168 4.68 30.37 -1.31
CA ALA F 168 3.52 30.06 -0.51
C ALA F 168 3.70 28.73 0.21
N THR F 169 3.29 28.69 1.49
CA THR F 169 3.17 27.43 2.20
C THR F 169 2.01 26.58 1.67
N VAL F 170 2.21 25.27 1.64
CA VAL F 170 1.22 24.35 1.06
C VAL F 170 0.68 23.47 2.18
N LYS F 171 -0.62 23.62 2.46
CA LYS F 171 -1.27 23.00 3.60
C LYS F 171 -2.22 21.90 3.13
N ILE F 172 -2.12 20.72 3.74
CA ILE F 172 -3.00 19.59 3.45
C ILE F 172 -3.99 19.44 4.61
N ILE F 173 -5.27 19.52 4.31
CA ILE F 173 -6.31 19.33 5.31
C ILE F 173 -7.19 18.15 4.92
N LYS F 174 -7.53 17.33 5.91
CA LYS F 174 -8.39 16.15 5.71
C LYS F 174 -9.85 16.49 6.04
N ASN F 175 -10.73 16.18 5.10
CA ASN F 175 -12.16 16.48 5.22
C ASN F 175 -12.94 15.15 5.26
N ARG F 176 -12.96 14.54 6.45
CA ARG F 176 -13.39 13.16 6.62
C ARG F 176 -14.85 13.13 7.05
N ASP F 177 -15.59 12.12 6.58
CA ASP F 177 -16.94 11.87 7.07
C ASP F 177 -16.97 11.78 8.59
N GLY F 178 -18.00 12.40 9.17
CA GLY F 178 -18.13 12.45 10.59
C GLY F 178 -17.18 13.40 11.27
N LEU F 179 -16.29 14.05 10.51
CA LEU F 179 -15.23 14.86 11.09
C LEU F 179 -15.11 16.17 10.35
N LEU F 180 -16.21 16.66 9.80
CA LEU F 180 -16.15 17.96 9.15
C LEU F 180 -15.86 19.09 10.14
N ASP F 181 -16.41 19.05 11.34
CA ASP F 181 -16.16 20.17 12.23
C ASP F 181 -14.67 20.32 12.46
N LYS F 182 -13.95 19.20 12.41
CA LYS F 182 -12.50 19.22 12.61
C LYS F 182 -11.76 19.88 11.45
N ALA F 183 -12.23 19.69 10.22
CA ALA F 183 -11.57 20.29 9.06
C ALA F 183 -11.74 21.81 9.07
N VAL F 184 -12.93 22.29 9.45
CA VAL F 184 -13.18 23.73 9.64
C VAL F 184 -12.24 24.31 10.67
N GLU F 185 -12.14 23.63 11.81
CA GLU F 185 -11.28 24.07 12.91
C GLU F 185 -9.80 24.13 12.49
N GLU F 186 -9.32 23.20 11.69
CA GLU F 186 -7.91 23.26 11.31
C GLU F 186 -7.63 24.49 10.44
N LEU F 187 -8.59 24.84 9.56
CA LEU F 187 -8.41 25.92 8.61
C LEU F 187 -8.55 27.29 9.25
N ILE F 188 -9.57 27.47 10.11
CA ILE F 188 -9.66 28.67 10.95
C ILE F 188 -8.33 28.96 11.61
N SER F 189 -7.69 27.92 12.13
CA SER F 189 -6.38 28.03 12.74
C SER F 189 -5.30 28.50 11.76
N VAL F 190 -5.25 27.91 10.57
CA VAL F 190 -4.25 28.27 9.57
C VAL F 190 -4.34 29.75 9.20
N LEU F 191 -5.56 30.28 9.06
CA LEU F 191 -5.79 31.66 8.65
C LEU F 191 -5.78 32.68 9.79
N LYS F 192 -5.16 32.40 10.94
CA LYS F 192 -5.10 33.43 11.97
C LYS F 192 -3.74 34.12 12.17
#